data_2G6N
#
_entry.id   2G6N
#
_cell.length_a   51.970
_cell.length_b   111.530
_cell.length_c   164.370
_cell.angle_alpha   90.00
_cell.angle_beta   90.00
_cell.angle_gamma   90.00
#
_symmetry.space_group_name_H-M   'P 21 21 21'
#
loop_
_entity.id
_entity.type
_entity.pdbx_description
1 polymer 'Nitric-oxide synthase, brain'
2 non-polymer 'ACETATE ION'
3 non-polymer 'ZINC ION'
4 non-polymer 'PROTOPORPHYRIN IX CONTAINING FE'
5 non-polymer 7,8-DIHYDROBIOPTERIN
6 non-polymer ARGININE
7 non-polymer 'CARBON MONOXIDE'
8 water water
#
_entity_poly.entity_id   1
_entity_poly.type   'polypeptide(L)'
_entity_poly.pdbx_seq_one_letter_code
;RFLKVKNWETDVVLTDTLHLKSTLETGCTEHICMGSIMLPSQHTRKPEDVRTKDQLFPLAKEFLDQYYSSIKRFGSKAHM
DRLEEVNKEIESTSTYQLKDTELIYGAKHAWRNASRCVGRIQWSKLQVFDARDCTTAHGMFNYICNHVKYATNKGNLRSA
ITIFPQRTDGKHDFRVWNSQLIRYAGYKQPDGSTLGDPANVQFTEICIQQGWKAPRGRFDVLPLLLQANGNDPELFQIPP
ELVLEVPIRHPKFDWFKDLGLKWYGLPAVSNMLLEIGGLEFSACPFSGWYMGTEIGVRDYCDNSRYNILEEVAKKMDLDM
RKTSSLWKDQALVEINIAVLYSFQSDKVTIVDHHSATESFIKHMENEYRCRGGCPADWVWIVPPMSGSITPVFHQEMLNY
RLTPSFEYQPDPWNTHVWKG
;
_entity_poly.pdbx_strand_id   A,B
#
loop_
_chem_comp.id
_chem_comp.type
_chem_comp.name
_chem_comp.formula
ACT non-polymer 'ACETATE ION' 'C2 H3 O2 -1'
CMO non-polymer 'CARBON MONOXIDE' 'C O'
HBI non-polymer 7,8-DIHYDROBIOPTERIN 'C9 H13 N5 O3'
HEM non-polymer 'PROTOPORPHYRIN IX CONTAINING FE' 'C34 H32 Fe N4 O4'
ZN non-polymer 'ZINC ION' 'Zn 2'
#
# COMPACT_ATOMS: atom_id res chain seq x y z
N ARG A 1 -15.63 -17.44 7.50
CA ARG A 1 -14.73 -17.92 8.59
C ARG A 1 -13.31 -17.98 8.04
N PHE A 2 -12.97 -19.12 7.43
CA PHE A 2 -11.66 -19.32 6.83
C PHE A 2 -11.47 -18.33 5.67
N LEU A 3 -10.37 -17.60 5.69
CA LEU A 3 -10.09 -16.64 4.64
C LEU A 3 -8.86 -17.06 3.84
N LYS A 4 -8.89 -16.80 2.54
CA LYS A 4 -7.75 -17.16 1.72
C LYS A 4 -7.03 -15.93 1.20
N VAL A 5 -5.71 -16.02 1.12
CA VAL A 5 -4.89 -14.93 0.61
C VAL A 5 -4.07 -15.51 -0.53
N LYS A 6 -4.05 -14.81 -1.65
CA LYS A 6 -3.33 -15.27 -2.82
C LYS A 6 -2.12 -14.40 -3.15
N ASN A 7 -1.10 -15.03 -3.73
CA ASN A 7 0.08 -14.30 -4.17
C ASN A 7 -0.07 -14.32 -5.70
N TRP A 8 -0.29 -13.15 -6.28
CA TRP A 8 -0.52 -13.05 -7.72
C TRP A 8 0.67 -13.29 -8.64
N GLU A 9 1.84 -13.49 -8.06
CA GLU A 9 3.04 -13.73 -8.84
C GLU A 9 3.33 -15.23 -8.84
N THR A 10 3.00 -15.89 -7.74
CA THR A 10 3.24 -17.33 -7.60
C THR A 10 1.98 -18.19 -7.56
N ASP A 11 0.82 -17.55 -7.57
CA ASP A 11 -0.45 -18.25 -7.53
C ASP A 11 -0.68 -19.05 -6.26
N VAL A 12 0.32 -19.10 -5.39
CA VAL A 12 0.19 -19.81 -4.13
C VAL A 12 -0.93 -19.22 -3.29
N VAL A 13 -1.76 -20.08 -2.71
CA VAL A 13 -2.87 -19.65 -1.88
C VAL A 13 -2.73 -20.20 -0.48
N LEU A 14 -2.88 -19.32 0.51
CA LEU A 14 -2.78 -19.72 1.90
C LEU A 14 -4.12 -19.44 2.57
N THR A 15 -4.46 -20.27 3.55
CA THR A 15 -5.72 -20.16 4.28
C THR A 15 -5.47 -19.59 5.67
N ASP A 16 -6.25 -18.60 6.07
CA ASP A 16 -6.07 -17.99 7.37
C ASP A 16 -7.20 -18.27 8.37
N THR A 17 -6.86 -18.92 9.47
CA THR A 17 -7.82 -19.24 10.53
C THR A 17 -7.43 -18.44 11.76
N LEU A 18 -6.14 -18.10 11.85
CA LEU A 18 -5.60 -17.36 12.98
C LEU A 18 -6.31 -16.06 13.26
N HIS A 19 -6.86 -15.42 12.24
CA HIS A 19 -7.56 -14.15 12.44
C HIS A 19 -8.75 -14.36 13.36
N LEU A 20 -9.20 -15.60 13.46
CA LEU A 20 -10.35 -15.93 14.31
C LEU A 20 -10.07 -15.67 15.79
N LYS A 21 -8.81 -15.73 16.18
CA LYS A 21 -8.44 -15.48 17.57
C LYS A 21 -8.22 -14.00 17.81
N SER A 22 -8.51 -13.18 16.80
CA SER A 22 -8.35 -11.74 16.91
C SER A 22 -9.25 -11.20 18.01
N THR A 23 -8.78 -10.19 18.74
CA THR A 23 -9.57 -9.61 19.82
C THR A 23 -9.79 -8.12 19.66
N LEU A 24 -8.71 -7.39 19.42
CA LEU A 24 -8.79 -5.94 19.27
C LEU A 24 -9.43 -5.53 17.94
N GLU A 25 -9.69 -4.24 17.78
CA GLU A 25 -10.31 -3.71 16.58
C GLU A 25 -9.26 -3.26 15.56
N THR A 26 -9.67 -3.12 14.30
CA THR A 26 -8.75 -2.72 13.22
C THR A 26 -8.89 -1.28 12.77
N GLY A 27 -10.04 -0.67 13.01
CA GLY A 27 -10.26 0.69 12.57
C GLY A 27 -11.24 0.70 11.40
N CYS A 28 -11.31 -0.42 10.70
CA CYS A 28 -12.21 -0.55 9.55
C CYS A 28 -13.60 -1.04 9.98
N THR A 29 -14.53 -1.02 9.04
CA THR A 29 -15.90 -1.48 9.27
C THR A 29 -16.34 -2.05 7.92
N GLU A 30 -17.48 -2.75 7.89
CA GLU A 30 -17.96 -3.32 6.63
C GLU A 30 -18.27 -2.29 5.55
N HIS A 31 -18.27 -1.01 5.91
CA HIS A 31 -18.57 0.03 4.94
C HIS A 31 -17.40 0.97 4.68
N ILE A 32 -16.29 0.75 5.36
CA ILE A 32 -15.15 1.64 5.15
C ILE A 32 -13.82 1.04 5.60
N CYS A 33 -12.78 1.30 4.81
CA CYS A 33 -11.45 0.80 5.10
C CYS A 33 -10.55 1.96 5.50
N MET A 34 -9.89 1.80 6.65
CA MET A 34 -8.97 2.83 7.12
C MET A 34 -7.57 2.23 7.13
N GLY A 35 -7.36 1.24 6.27
CA GLY A 35 -6.09 0.56 6.18
C GLY A 35 -4.88 1.47 6.03
N SER A 36 -5.05 2.65 5.43
CA SER A 36 -3.92 3.55 5.24
C SER A 36 -3.79 4.65 6.30
N ILE A 37 -4.58 4.57 7.37
CA ILE A 37 -4.48 5.58 8.42
C ILE A 37 -3.36 5.18 9.38
N MET A 38 -2.44 6.10 9.67
CA MET A 38 -1.34 5.78 10.58
C MET A 38 -1.82 5.41 12.00
N LEU A 39 -2.78 6.17 12.52
CA LEU A 39 -3.29 5.92 13.87
C LEU A 39 -4.82 5.75 13.90
N PRO A 40 -5.31 4.52 13.64
CA PRO A 40 -6.75 4.26 13.65
C PRO A 40 -7.38 4.46 15.04
N VAL A 50 -6.14 3.20 33.33
CA VAL A 50 -5.76 1.91 33.87
C VAL A 50 -6.96 0.96 33.91
N ARG A 51 -6.71 -0.33 33.74
CA ARG A 51 -7.76 -1.33 33.73
C ARG A 51 -8.26 -1.66 35.12
N THR A 52 -9.46 -2.25 35.17
CA THR A 52 -10.07 -2.64 36.44
C THR A 52 -9.89 -4.14 36.62
N LYS A 53 -10.20 -4.63 37.82
CA LYS A 53 -10.06 -6.05 38.10
C LYS A 53 -10.93 -6.88 37.16
N ASP A 54 -12.12 -6.38 36.87
CA ASP A 54 -13.06 -7.06 35.97
C ASP A 54 -12.52 -7.18 34.55
N GLN A 55 -11.81 -6.16 34.11
CA GLN A 55 -11.24 -6.14 32.77
C GLN A 55 -10.03 -7.06 32.67
N LEU A 56 -9.20 -7.05 33.71
CA LEU A 56 -7.97 -7.84 33.75
C LEU A 56 -8.15 -9.36 33.76
N PHE A 57 -9.03 -9.85 34.62
CA PHE A 57 -9.26 -11.29 34.73
C PHE A 57 -9.29 -12.07 33.42
N PRO A 58 -10.18 -11.69 32.47
CA PRO A 58 -10.25 -12.41 31.19
C PRO A 58 -8.96 -12.34 30.34
N LEU A 59 -8.36 -11.16 30.28
CA LEU A 59 -7.12 -10.97 29.52
C LEU A 59 -6.03 -11.93 30.02
N ALA A 60 -5.87 -11.99 31.33
CA ALA A 60 -4.87 -12.86 31.94
C ALA A 60 -5.18 -14.31 31.58
N LYS A 61 -6.46 -14.69 31.68
CA LYS A 61 -6.85 -16.06 31.35
C LYS A 61 -6.49 -16.38 29.91
N GLU A 62 -6.88 -15.50 28.99
CA GLU A 62 -6.58 -15.68 27.57
C GLU A 62 -5.08 -15.93 27.35
N PHE A 63 -4.26 -15.09 27.95
CA PHE A 63 -2.81 -15.21 27.82
C PHE A 63 -2.29 -16.54 28.38
N LEU A 64 -2.56 -16.80 29.65
CA LEU A 64 -2.10 -18.03 30.27
C LEU A 64 -2.56 -19.23 29.47
N ASP A 65 -3.78 -19.13 28.93
CA ASP A 65 -4.32 -20.22 28.13
C ASP A 65 -3.46 -20.43 26.89
N GLN A 66 -3.05 -19.34 26.25
CA GLN A 66 -2.22 -19.47 25.06
C GLN A 66 -0.79 -19.84 25.45
N TYR A 67 -0.32 -19.34 26.59
CA TYR A 67 1.03 -19.68 27.03
C TYR A 67 1.11 -21.17 27.34
N TYR A 68 0.20 -21.68 28.15
CA TYR A 68 0.24 -23.10 28.48
C TYR A 68 -0.01 -23.99 27.28
N SER A 69 -0.80 -23.52 26.33
CA SER A 69 -1.07 -24.31 25.13
C SER A 69 0.21 -24.43 24.31
N SER A 70 1.03 -23.38 24.32
CA SER A 70 2.29 -23.39 23.58
C SER A 70 3.32 -24.34 24.17
N ILE A 71 3.31 -24.52 25.48
CA ILE A 71 4.25 -25.43 26.12
C ILE A 71 3.68 -26.84 26.25
N LYS A 72 2.56 -27.06 25.55
CA LYS A 72 1.88 -28.36 25.53
C LYS A 72 1.36 -28.86 26.86
N ARG A 73 0.80 -27.96 27.66
CA ARG A 73 0.23 -28.36 28.94
C ARG A 73 -1.05 -27.59 29.21
N PHE A 74 -1.86 -27.47 28.17
CA PHE A 74 -3.15 -26.79 28.26
C PHE A 74 -4.08 -27.69 29.09
N GLY A 75 -4.72 -27.12 30.10
CA GLY A 75 -5.60 -27.89 30.94
C GLY A 75 -4.86 -28.85 31.86
N SER A 76 -3.68 -28.44 32.31
CA SER A 76 -2.89 -29.28 33.22
C SER A 76 -3.04 -28.66 34.60
N LYS A 77 -2.61 -29.39 35.62
CA LYS A 77 -2.73 -28.89 36.98
C LYS A 77 -1.95 -27.59 37.11
N ALA A 78 -0.76 -27.54 36.51
CA ALA A 78 0.08 -26.34 36.54
C ALA A 78 -0.67 -25.17 35.93
N HIS A 79 -1.33 -25.44 34.79
CA HIS A 79 -2.10 -24.42 34.09
C HIS A 79 -3.21 -23.90 35.01
N MET A 80 -3.97 -24.83 35.58
CA MET A 80 -5.07 -24.48 36.47
C MET A 80 -4.55 -23.75 37.70
N ASP A 81 -3.53 -24.32 38.34
CA ASP A 81 -2.94 -23.71 39.52
C ASP A 81 -2.55 -22.27 39.21
N ARG A 82 -1.80 -22.10 38.13
CA ARG A 82 -1.34 -20.76 37.72
C ARG A 82 -2.52 -19.80 37.54
N LEU A 83 -3.55 -20.24 36.83
CA LEU A 83 -4.71 -19.39 36.61
C LEU A 83 -5.36 -19.01 37.93
N GLU A 84 -5.45 -19.98 38.84
CA GLU A 84 -6.04 -19.73 40.15
C GLU A 84 -5.18 -18.74 40.95
N GLU A 85 -3.86 -18.93 40.87
CA GLU A 85 -2.92 -18.06 41.57
C GLU A 85 -3.06 -16.63 41.10
N VAL A 86 -3.01 -16.44 39.78
CA VAL A 86 -3.14 -15.12 39.19
C VAL A 86 -4.50 -14.54 39.55
N ASN A 87 -5.51 -15.42 39.51
CA ASN A 87 -6.87 -15.03 39.83
C ASN A 87 -6.91 -14.39 41.22
N LYS A 88 -6.30 -15.07 42.18
CA LYS A 88 -6.26 -14.58 43.56
C LYS A 88 -5.47 -13.28 43.67
N GLU A 89 -4.29 -13.26 43.09
CA GLU A 89 -3.42 -12.08 43.13
C GLU A 89 -4.11 -10.82 42.62
N ILE A 90 -4.91 -10.98 41.57
CA ILE A 90 -5.64 -9.86 40.98
C ILE A 90 -6.68 -9.32 41.97
N GLU A 91 -7.44 -10.24 42.56
CA GLU A 91 -8.47 -9.89 43.53
C GLU A 91 -7.90 -9.01 44.65
N SER A 92 -6.67 -9.32 45.06
CA SER A 92 -6.02 -8.59 46.13
C SER A 92 -5.29 -7.32 45.69
N THR A 93 -4.17 -7.50 45.00
CA THR A 93 -3.36 -6.39 44.52
C THR A 93 -3.94 -5.63 43.34
N SER A 94 -5.04 -6.13 42.79
CA SER A 94 -5.70 -5.52 41.63
C SER A 94 -4.74 -5.53 40.44
N THR A 95 -4.04 -6.65 40.29
CA THR A 95 -3.08 -6.87 39.22
C THR A 95 -2.29 -8.11 39.56
N TYR A 96 -1.26 -8.39 38.78
CA TYR A 96 -0.43 -9.55 39.04
C TYR A 96 0.95 -9.36 38.41
N GLN A 97 1.80 -10.36 38.62
CA GLN A 97 3.15 -10.32 38.09
C GLN A 97 3.34 -11.55 37.23
N LEU A 98 4.00 -11.37 36.09
CA LEU A 98 4.24 -12.48 35.20
C LEU A 98 5.50 -13.21 35.65
N LYS A 99 5.57 -14.51 35.36
CA LYS A 99 6.76 -15.26 35.69
C LYS A 99 7.74 -14.87 34.59
N ASP A 100 9.02 -15.07 34.81
CA ASP A 100 10.00 -14.71 33.79
C ASP A 100 9.69 -15.41 32.46
N THR A 101 9.34 -16.68 32.53
CA THR A 101 9.03 -17.44 31.33
C THR A 101 7.88 -16.77 30.56
N GLU A 102 6.90 -16.28 31.30
CA GLU A 102 5.74 -15.61 30.70
C GLU A 102 6.12 -14.28 30.08
N LEU A 103 7.04 -13.57 30.73
CA LEU A 103 7.48 -12.28 30.23
C LEU A 103 8.20 -12.46 28.88
N ILE A 104 9.07 -13.45 28.82
CA ILE A 104 9.83 -13.75 27.60
C ILE A 104 8.90 -14.20 26.48
N TYR A 105 7.96 -15.08 26.80
CA TYR A 105 7.02 -15.60 25.83
C TYR A 105 6.19 -14.45 25.27
N GLY A 106 5.73 -13.59 26.17
CA GLY A 106 4.90 -12.47 25.79
C GLY A 106 5.56 -11.45 24.89
N ALA A 107 6.78 -11.08 25.23
CA ALA A 107 7.54 -10.11 24.44
C ALA A 107 7.79 -10.68 23.06
N LYS A 108 8.19 -11.95 22.99
CA LYS A 108 8.46 -12.57 21.72
C LYS A 108 7.21 -12.57 20.86
N HIS A 109 6.08 -12.92 21.46
CA HIS A 109 4.85 -12.96 20.70
C HIS A 109 4.33 -11.58 20.31
N ALA A 110 4.64 -10.56 21.11
CA ALA A 110 4.21 -9.20 20.77
C ALA A 110 4.89 -8.83 19.45
N TRP A 111 6.16 -9.26 19.30
CA TRP A 111 6.91 -9.01 18.07
C TRP A 111 6.31 -9.89 16.99
N ARG A 112 6.06 -11.16 17.33
CA ARG A 112 5.47 -12.09 16.39
C ARG A 112 4.17 -11.53 15.81
N ASN A 113 3.41 -10.81 16.65
CA ASN A 113 2.11 -10.25 16.25
C ASN A 113 2.12 -8.84 15.62
N ALA A 114 3.28 -8.19 15.61
CA ALA A 114 3.41 -6.84 15.06
C ALA A 114 3.23 -6.88 13.54
N SER A 115 2.00 -6.65 13.08
CA SER A 115 1.68 -6.72 11.66
C SER A 115 2.44 -5.75 10.75
N ARG A 116 3.02 -4.70 11.32
CA ARG A 116 3.74 -3.74 10.51
C ARG A 116 5.22 -4.05 10.41
N CYS A 117 5.67 -5.14 11.04
CA CYS A 117 7.09 -5.48 11.01
C CYS A 117 7.46 -6.52 9.97
N VAL A 118 8.36 -6.15 9.08
CA VAL A 118 8.79 -7.04 8.02
C VAL A 118 9.91 -7.97 8.49
N GLY A 119 10.49 -7.69 9.66
CA GLY A 119 11.60 -8.52 10.13
C GLY A 119 11.22 -9.63 11.10
N ARG A 120 9.96 -10.02 11.08
CA ARG A 120 9.51 -11.02 12.05
C ARG A 120 10.03 -12.43 11.91
N ILE A 121 10.78 -12.73 10.86
CA ILE A 121 11.27 -14.11 10.70
C ILE A 121 12.23 -14.44 11.87
N GLN A 122 12.76 -13.40 12.50
CA GLN A 122 13.71 -13.53 13.60
C GLN A 122 13.02 -13.45 14.97
N TRP A 123 11.68 -13.42 14.97
CA TRP A 123 10.95 -13.25 16.20
C TRP A 123 11.34 -14.09 17.40
N SER A 124 11.60 -15.38 17.20
CA SER A 124 11.93 -16.23 18.34
C SER A 124 13.32 -16.04 18.94
N LYS A 125 14.19 -15.28 18.27
CA LYS A 125 15.54 -15.10 18.79
C LYS A 125 15.71 -13.83 19.65
N LEU A 126 14.60 -13.17 19.95
CA LEU A 126 14.66 -11.96 20.75
C LEU A 126 15.32 -12.12 22.13
N GLN A 127 16.28 -11.26 22.45
CA GLN A 127 16.88 -11.34 23.77
C GLN A 127 16.05 -10.40 24.65
N VAL A 128 15.55 -10.90 25.77
CA VAL A 128 14.72 -10.11 26.66
C VAL A 128 15.46 -9.75 27.94
N PHE A 129 15.51 -8.46 28.26
CA PHE A 129 16.16 -7.99 29.48
C PHE A 129 15.07 -7.54 30.44
N ASP A 130 14.92 -8.31 31.51
CA ASP A 130 13.90 -8.05 32.53
C ASP A 130 14.38 -6.95 33.48
N ALA A 131 13.85 -5.75 33.30
CA ALA A 131 14.21 -4.60 34.12
C ALA A 131 13.06 -4.17 35.03
N ARG A 132 12.20 -5.12 35.39
CA ARG A 132 11.06 -4.81 36.24
C ARG A 132 11.47 -4.37 37.64
N ASP A 133 12.68 -4.75 38.05
CA ASP A 133 13.19 -4.39 39.38
C ASP A 133 13.73 -2.95 39.46
N CYS A 134 13.70 -2.23 38.34
CA CYS A 134 14.18 -0.83 38.26
C CYS A 134 13.30 0.17 39.03
N THR A 135 13.90 1.28 39.49
CA THR A 135 13.15 2.30 40.26
C THR A 135 13.47 3.78 40.00
N THR A 136 14.58 4.09 39.34
CA THR A 136 14.94 5.47 39.09
C THR A 136 15.45 5.77 37.68
N ALA A 137 15.55 7.04 37.34
CA ALA A 137 16.02 7.45 36.02
C ALA A 137 17.46 6.99 35.77
N HIS A 138 18.28 6.97 36.83
CA HIS A 138 19.67 6.55 36.67
C HIS A 138 19.69 5.04 36.42
N GLY A 139 18.82 4.32 37.13
CA GLY A 139 18.73 2.90 36.95
C GLY A 139 18.35 2.61 35.50
N MET A 140 17.38 3.38 35.00
CA MET A 140 16.92 3.20 33.62
C MET A 140 18.06 3.50 32.66
N PHE A 141 18.81 4.56 32.95
CA PHE A 141 19.92 4.91 32.08
C PHE A 141 20.89 3.72 32.00
N ASN A 142 21.21 3.12 33.14
CA ASN A 142 22.12 1.97 33.21
C ASN A 142 21.61 0.80 32.35
N TYR A 143 20.34 0.45 32.53
CA TYR A 143 19.73 -0.63 31.76
C TYR A 143 19.79 -0.32 30.26
N ILE A 144 19.53 0.92 29.90
CA ILE A 144 19.52 1.31 28.49
C ILE A 144 20.93 1.25 27.91
N CYS A 145 21.92 1.66 28.68
CA CYS A 145 23.28 1.61 28.18
C CYS A 145 23.64 0.15 27.89
N ASN A 146 23.28 -0.72 28.82
CA ASN A 146 23.59 -2.14 28.65
C ASN A 146 22.88 -2.75 27.44
N HIS A 147 21.65 -2.31 27.20
CA HIS A 147 20.86 -2.79 26.07
C HIS A 147 21.56 -2.38 24.79
N VAL A 148 21.96 -1.11 24.71
CA VAL A 148 22.64 -0.58 23.54
C VAL A 148 23.95 -1.31 23.22
N LYS A 149 24.73 -1.56 24.25
CA LYS A 149 26.01 -2.23 24.06
C LYS A 149 25.76 -3.67 23.63
N TYR A 150 24.85 -4.34 24.33
CA TYR A 150 24.52 -5.71 24.01
C TYR A 150 23.98 -5.86 22.60
N ALA A 151 23.06 -4.99 22.21
CA ALA A 151 22.45 -5.03 20.89
C ALA A 151 23.42 -4.62 19.76
N THR A 152 24.23 -3.59 20.00
CA THR A 152 25.18 -3.13 18.98
C THR A 152 26.20 -4.22 18.66
N ASN A 153 26.75 -4.84 19.70
CA ASN A 153 27.70 -5.95 19.55
C ASN A 153 28.81 -5.72 18.49
N LYS A 154 29.39 -4.52 18.53
CA LYS A 154 30.46 -4.11 17.61
C LYS A 154 30.06 -4.16 16.13
N GLY A 155 28.77 -4.00 15.85
CA GLY A 155 28.33 -4.03 14.47
C GLY A 155 27.59 -5.28 14.07
N ASN A 156 27.72 -6.34 14.86
CA ASN A 156 27.02 -7.60 14.59
C ASN A 156 25.77 -7.51 15.47
N LEU A 157 24.82 -6.67 15.03
CA LEU A 157 23.60 -6.42 15.79
C LEU A 157 22.81 -7.64 16.22
N ARG A 158 22.26 -7.54 17.43
CA ARG A 158 21.45 -8.60 18.02
C ARG A 158 20.16 -7.95 18.47
N SER A 159 19.03 -8.59 18.19
CA SER A 159 17.74 -8.01 18.58
C SER A 159 17.58 -8.10 20.09
N ALA A 160 16.93 -7.11 20.69
CA ALA A 160 16.70 -7.10 22.12
C ALA A 160 15.63 -6.10 22.55
N ILE A 161 15.09 -6.35 23.72
CA ILE A 161 14.10 -5.47 24.33
C ILE A 161 14.35 -5.45 25.84
N THR A 162 14.22 -4.27 26.42
CA THR A 162 14.39 -4.08 27.85
C THR A 162 13.02 -3.67 28.36
N ILE A 163 12.51 -4.42 29.33
CA ILE A 163 11.20 -4.18 29.87
C ILE A 163 11.23 -3.62 31.30
N PHE A 164 10.79 -2.37 31.41
CA PHE A 164 10.73 -1.71 32.71
C PHE A 164 9.39 -2.04 33.40
N PRO A 165 9.21 -1.63 34.67
CA PRO A 165 8.00 -1.89 35.44
C PRO A 165 6.66 -1.59 34.77
N GLN A 166 5.72 -2.51 34.91
CA GLN A 166 4.39 -2.39 34.33
C GLN A 166 3.57 -1.24 34.95
N ARG A 167 2.46 -0.92 34.31
CA ARG A 167 1.59 0.15 34.80
C ARG A 167 0.89 -0.30 36.06
N THR A 168 0.60 0.67 36.94
CA THR A 168 -0.06 0.39 38.20
C THR A 168 -1.33 1.22 38.35
N ASP A 169 -1.15 2.54 38.47
CA ASP A 169 -2.26 3.47 38.66
C ASP A 169 -2.19 4.62 37.67
N GLY A 170 -1.23 4.58 36.76
CA GLY A 170 -1.10 5.65 35.78
C GLY A 170 -0.33 6.84 36.30
N LYS A 171 -0.13 6.92 37.62
CA LYS A 171 0.62 8.02 38.21
C LYS A 171 2.06 7.60 38.52
N HIS A 172 2.35 6.31 38.30
CA HIS A 172 3.68 5.76 38.55
C HIS A 172 4.10 4.98 37.32
N ASP A 173 4.15 5.67 36.18
CA ASP A 173 4.52 5.05 34.92
C ASP A 173 5.94 5.33 34.52
N PHE A 174 6.60 4.32 33.93
CA PHE A 174 7.95 4.50 33.44
C PHE A 174 7.77 4.85 31.96
N ARG A 175 8.55 5.81 31.47
CA ARG A 175 8.47 6.22 30.08
C ARG A 175 9.81 6.75 29.58
N VAL A 176 10.14 6.41 28.33
CA VAL A 176 11.34 6.92 27.69
C VAL A 176 10.74 7.99 26.76
N TRP A 177 11.09 9.25 26.98
CA TRP A 177 10.55 10.35 26.18
C TRP A 177 11.10 10.40 24.75
N ASN A 178 12.26 9.80 24.53
CA ASN A 178 12.82 9.77 23.18
C ASN A 178 11.89 8.85 22.36
N SER A 179 11.83 9.06 21.04
CA SER A 179 10.99 8.21 20.19
C SER A 179 11.83 6.98 19.84
N GLN A 180 13.14 7.16 19.78
CA GLN A 180 14.11 6.09 19.55
C GLN A 180 15.26 6.36 20.53
N LEU A 181 15.92 5.30 21.01
CA LEU A 181 17.03 5.46 21.95
C LEU A 181 18.09 6.37 21.39
N ILE A 182 18.36 6.23 20.10
CA ILE A 182 19.36 7.01 19.41
C ILE A 182 18.71 7.69 18.20
N ARG A 183 18.69 9.03 18.23
CA ARG A 183 18.14 9.83 17.14
C ARG A 183 18.89 11.17 17.09
N TYR A 184 18.84 11.83 15.94
CA TYR A 184 19.53 13.13 15.77
C TYR A 184 18.62 14.32 16.11
N ALA A 185 19.24 15.37 16.66
CA ALA A 185 18.48 16.56 17.06
C ALA A 185 18.00 17.39 15.88
N GLY A 186 16.94 18.16 16.13
CA GLY A 186 16.38 19.03 15.12
C GLY A 186 16.15 20.41 15.72
N TYR A 187 16.77 21.43 15.11
CA TYR A 187 16.62 22.79 15.62
C TYR A 187 16.05 23.74 14.56
N LYS A 188 15.15 24.62 14.99
CA LYS A 188 14.56 25.60 14.07
C LYS A 188 15.45 26.84 13.88
N GLN A 189 16.17 26.88 12.77
CA GLN A 189 17.06 27.98 12.43
C GLN A 189 16.33 29.32 12.27
N PRO A 190 17.07 30.45 12.35
CA PRO A 190 16.43 31.76 12.19
C PRO A 190 16.11 31.91 10.70
N ASP A 191 16.85 31.12 9.92
CA ASP A 191 16.71 31.08 8.47
C ASP A 191 15.30 30.62 8.13
N GLY A 192 14.57 30.17 9.15
CA GLY A 192 13.22 29.69 8.95
C GLY A 192 13.25 28.20 8.68
N SER A 193 14.37 27.77 8.13
CA SER A 193 14.59 26.36 7.81
C SER A 193 14.78 25.55 9.09
N THR A 194 15.22 24.31 8.94
CA THR A 194 15.44 23.45 10.09
C THR A 194 16.82 22.85 10.05
N LEU A 195 17.53 22.90 11.17
CA LEU A 195 18.86 22.33 11.26
C LEU A 195 18.69 20.96 11.93
N GLY A 196 19.26 19.93 11.30
CA GLY A 196 19.15 18.59 11.86
C GLY A 196 17.92 17.84 11.37
N ASP A 197 17.35 17.03 12.24
CA ASP A 197 16.18 16.23 11.88
C ASP A 197 14.87 16.89 12.29
N PRO A 198 14.09 17.36 11.30
CA PRO A 198 12.80 18.01 11.52
C PRO A 198 11.81 17.20 12.36
N ALA A 199 11.88 15.87 12.26
CA ALA A 199 10.95 15.02 13.02
C ALA A 199 11.12 15.19 14.51
N ASN A 200 12.31 15.61 14.93
CA ASN A 200 12.58 15.76 16.35
C ASN A 200 12.79 17.20 16.78
N VAL A 201 12.52 18.12 15.86
CA VAL A 201 12.67 19.55 16.16
C VAL A 201 12.10 19.84 17.53
N GLN A 202 10.88 19.34 17.76
CA GLN A 202 10.21 19.56 19.04
C GLN A 202 10.95 18.94 20.21
N PHE A 203 10.94 17.61 20.28
CA PHE A 203 11.61 16.90 21.37
C PHE A 203 12.97 17.53 21.64
N THR A 204 13.67 17.95 20.60
CA THR A 204 14.96 18.57 20.77
C THR A 204 14.75 19.77 21.70
N GLU A 205 13.81 20.63 21.34
CA GLU A 205 13.52 21.82 22.13
C GLU A 205 13.29 21.51 23.60
N ILE A 206 12.51 20.46 23.87
CA ILE A 206 12.22 20.08 25.26
C ILE A 206 13.50 19.69 26.01
N CYS A 207 14.49 19.20 25.29
CA CYS A 207 15.75 18.82 25.90
C CYS A 207 16.64 20.06 26.07
N ILE A 208 16.84 20.80 24.97
CA ILE A 208 17.65 22.01 25.04
C ILE A 208 17.09 22.87 26.16
N GLN A 209 15.79 22.81 26.34
CA GLN A 209 15.11 23.55 27.39
C GLN A 209 15.59 23.03 28.73
N GLN A 210 15.74 21.72 28.82
CA GLN A 210 16.16 21.08 30.06
C GLN A 210 17.62 21.29 30.43
N GLY A 211 18.32 22.09 29.63
CA GLY A 211 19.71 22.37 29.93
C GLY A 211 20.70 21.73 28.98
N TRP A 212 20.19 20.88 28.10
CA TRP A 212 21.06 20.20 27.16
C TRP A 212 21.79 21.19 26.25
N LYS A 213 23.12 21.22 26.36
CA LYS A 213 23.93 22.11 25.55
C LYS A 213 24.08 21.44 24.18
N ALA A 214 23.31 21.94 23.22
CA ALA A 214 23.30 21.38 21.87
C ALA A 214 24.37 21.90 20.92
N PRO A 215 25.15 20.98 20.33
CA PRO A 215 26.21 21.35 19.39
C PRO A 215 25.62 21.98 18.13
N ARG A 216 24.29 21.86 18.01
CA ARG A 216 23.54 22.39 16.86
C ARG A 216 24.23 22.03 15.55
N GLY A 217 24.42 20.73 15.33
CA GLY A 217 25.06 20.26 14.11
C GLY A 217 24.03 19.56 13.25
N ARG A 218 24.45 18.96 12.14
CA ARG A 218 23.52 18.27 11.25
C ARG A 218 23.07 16.97 11.93
N PHE A 219 24.04 16.17 12.38
CA PHE A 219 23.74 14.91 13.05
C PHE A 219 24.24 14.83 14.51
N ASP A 220 23.44 15.38 15.43
CA ASP A 220 23.80 15.36 16.85
C ASP A 220 22.96 14.36 17.63
N VAL A 221 23.60 13.32 18.15
CA VAL A 221 22.88 12.31 18.92
C VAL A 221 22.17 12.98 20.10
N LEU A 222 20.85 12.81 20.14
CA LEU A 222 20.05 13.37 21.21
C LEU A 222 20.36 12.71 22.55
N PRO A 223 19.91 13.35 23.66
CA PRO A 223 20.13 12.83 25.00
C PRO A 223 18.89 12.06 25.46
N LEU A 224 19.09 11.08 26.33
CA LEU A 224 17.97 10.30 26.82
C LEU A 224 17.22 11.13 27.87
N LEU A 225 15.89 11.05 27.86
CA LEU A 225 15.06 11.76 28.82
C LEU A 225 14.24 10.68 29.48
N LEU A 226 14.70 10.20 30.64
CA LEU A 226 14.00 9.11 31.30
C LEU A 226 13.10 9.43 32.47
N GLN A 227 11.95 8.78 32.47
CA GLN A 227 10.94 8.96 33.48
C GLN A 227 10.68 7.67 34.24
N ALA A 228 10.97 7.69 35.54
CA ALA A 228 10.77 6.50 36.36
C ALA A 228 9.73 6.66 37.48
N ASN A 229 8.90 5.65 37.61
CA ASN A 229 7.86 5.57 38.65
C ASN A 229 6.85 6.71 38.68
N GLY A 230 6.77 7.50 37.62
CA GLY A 230 5.81 8.58 37.59
C GLY A 230 6.42 9.94 37.83
N ASN A 231 7.64 9.95 38.37
CA ASN A 231 8.31 11.22 38.64
C ASN A 231 8.59 11.94 37.34
N ASP A 232 9.11 13.16 37.42
CA ASP A 232 9.44 13.92 36.22
C ASP A 232 10.68 13.29 35.62
N PRO A 233 10.87 13.44 34.30
CA PRO A 233 12.02 12.88 33.58
C PRO A 233 13.37 13.59 33.78
N GLU A 234 14.46 12.86 33.54
CA GLU A 234 15.83 13.37 33.68
C GLU A 234 16.66 13.10 32.43
N LEU A 235 17.69 13.92 32.21
CA LEU A 235 18.54 13.78 31.03
C LEU A 235 19.84 12.99 31.28
N PHE A 236 20.36 12.39 30.20
CA PHE A 236 21.60 11.60 30.25
C PHE A 236 22.22 11.48 28.87
N GLN A 237 23.53 11.69 28.78
CA GLN A 237 24.22 11.54 27.49
C GLN A 237 24.66 10.07 27.35
N ILE A 238 24.42 9.46 26.20
CA ILE A 238 24.83 8.08 26.00
C ILE A 238 26.31 8.08 25.65
N PRO A 239 27.09 7.19 26.28
CA PRO A 239 28.53 7.14 26.00
C PRO A 239 28.79 7.00 24.50
N PRO A 240 29.38 8.04 23.90
CA PRO A 240 29.69 8.07 22.47
C PRO A 240 30.33 6.77 21.99
N GLU A 241 31.07 6.11 22.87
CA GLU A 241 31.70 4.86 22.47
C GLU A 241 30.64 3.77 22.31
N LEU A 242 29.43 4.01 22.80
CA LEU A 242 28.37 3.02 22.67
C LEU A 242 27.46 3.27 21.45
N VAL A 243 27.62 4.42 20.81
CA VAL A 243 26.81 4.77 19.64
C VAL A 243 27.57 4.55 18.32
N LEU A 244 27.30 3.43 17.68
CA LEU A 244 27.95 3.09 16.42
C LEU A 244 27.32 3.87 15.28
N GLU A 245 28.10 4.74 14.64
CA GLU A 245 27.59 5.53 13.53
C GLU A 245 28.31 5.10 12.26
N VAL A 246 27.69 5.36 11.12
CA VAL A 246 28.29 4.98 9.85
C VAL A 246 28.38 6.16 8.89
N PRO A 247 29.59 6.42 8.37
CA PRO A 247 29.77 7.52 7.43
C PRO A 247 29.27 7.03 6.08
N ILE A 248 28.41 7.82 5.45
CA ILE A 248 27.82 7.44 4.17
C ILE A 248 28.62 7.87 2.93
N ARG A 249 29.12 6.89 2.19
CA ARG A 249 29.86 7.14 0.96
C ARG A 249 29.28 6.28 -0.16
N HIS A 250 29.69 6.52 -1.40
CA HIS A 250 29.18 5.79 -2.56
C HIS A 250 30.23 4.91 -3.24
N PRO A 251 29.86 3.69 -3.67
CA PRO A 251 30.78 2.75 -4.33
C PRO A 251 31.27 3.21 -5.71
N LYS A 252 30.90 4.42 -6.12
CA LYS A 252 31.29 4.90 -7.45
C LYS A 252 31.41 6.40 -7.53
N PHE A 253 30.68 7.12 -6.68
CA PHE A 253 30.72 8.56 -6.68
C PHE A 253 31.57 9.06 -5.52
N ASP A 254 32.88 9.11 -5.75
CA ASP A 254 33.82 9.55 -4.73
C ASP A 254 33.38 10.86 -4.11
N TRP A 255 32.59 11.64 -4.85
CA TRP A 255 32.13 12.91 -4.32
C TRP A 255 31.01 12.74 -3.28
N PHE A 256 30.34 11.59 -3.31
CA PHE A 256 29.24 11.34 -2.37
C PHE A 256 29.62 11.65 -0.93
N LYS A 257 30.75 11.12 -0.50
CA LYS A 257 31.22 11.35 0.87
C LYS A 257 31.26 12.84 1.21
N ASP A 258 31.58 13.66 0.22
CA ASP A 258 31.64 15.10 0.45
C ASP A 258 30.33 15.62 1.02
N LEU A 259 29.22 14.97 0.66
CA LEU A 259 27.90 15.38 1.14
C LEU A 259 27.88 15.55 2.66
N GLY A 260 28.74 14.80 3.35
CA GLY A 260 28.81 14.91 4.80
C GLY A 260 27.62 14.33 5.54
N LEU A 261 27.23 13.11 5.18
CA LEU A 261 26.09 12.46 5.83
C LEU A 261 26.51 11.21 6.58
N LYS A 262 25.77 10.89 7.62
CA LYS A 262 26.02 9.70 8.42
C LYS A 262 24.73 9.27 9.11
N TRP A 263 24.67 8.02 9.54
CA TRP A 263 23.49 7.57 10.26
C TRP A 263 23.94 6.59 11.33
N TYR A 264 23.11 6.38 12.35
CA TYR A 264 23.47 5.46 13.42
C TYR A 264 23.11 4.04 13.05
N GLY A 265 23.83 3.07 13.60
CA GLY A 265 23.55 1.69 13.27
C GLY A 265 22.45 0.97 14.05
N LEU A 266 22.08 1.49 15.22
CA LEU A 266 21.07 0.82 16.04
C LEU A 266 19.69 1.49 16.07
N PRO A 267 18.70 0.90 15.37
CA PRO A 267 17.34 1.44 15.33
C PRO A 267 16.62 0.90 16.56
N ALA A 268 16.23 1.80 17.47
CA ALA A 268 15.63 1.33 18.69
C ALA A 268 14.40 2.07 19.15
N VAL A 269 13.24 1.64 18.63
CA VAL A 269 11.95 2.22 18.96
C VAL A 269 11.75 2.23 20.47
N SER A 270 11.53 3.40 21.04
CA SER A 270 11.36 3.46 22.49
C SER A 270 10.08 4.11 23.03
N ASN A 271 9.19 4.54 22.16
CA ASN A 271 7.97 5.20 22.62
C ASN A 271 6.71 4.35 22.59
N MET A 272 6.86 3.04 22.38
CA MET A 272 5.68 2.18 22.34
C MET A 272 5.34 1.52 23.66
N LEU A 273 4.14 0.96 23.72
CA LEU A 273 3.64 0.29 24.91
C LEU A 273 3.40 -1.20 24.63
N LEU A 274 3.97 -2.06 25.48
CA LEU A 274 3.83 -3.50 25.33
C LEU A 274 2.75 -4.07 26.25
N GLU A 275 1.78 -4.75 25.65
CA GLU A 275 0.69 -5.35 26.41
C GLU A 275 0.81 -6.87 26.47
N ILE A 276 0.86 -7.39 27.69
CA ILE A 276 0.94 -8.83 27.91
C ILE A 276 -0.10 -9.21 28.98
N GLY A 277 -0.99 -10.13 28.63
CA GLY A 277 -2.02 -10.57 29.56
C GLY A 277 -2.74 -9.45 30.30
N GLY A 278 -3.04 -8.37 29.58
CA GLY A 278 -3.73 -7.25 30.20
C GLY A 278 -2.81 -6.27 30.89
N LEU A 279 -1.60 -6.70 31.23
CA LEU A 279 -0.63 -5.84 31.90
C LEU A 279 -0.01 -4.89 30.88
N GLU A 280 0.21 -3.64 31.27
CA GLU A 280 0.77 -2.65 30.36
C GLU A 280 2.18 -2.19 30.72
N PHE A 281 3.12 -2.44 29.82
CA PHE A 281 4.49 -2.03 30.01
C PHE A 281 4.74 -0.81 29.12
N SER A 282 4.63 0.36 29.74
CA SER A 282 4.79 1.63 29.04
C SER A 282 6.21 2.05 28.66
N ALA A 283 7.21 1.34 29.17
CA ALA A 283 8.60 1.65 28.82
C ALA A 283 9.22 0.32 28.46
N CYS A 284 9.36 0.08 27.15
CA CYS A 284 9.87 -1.18 26.62
C CYS A 284 10.67 -0.99 25.34
N PRO A 285 11.74 -0.20 25.39
CA PRO A 285 12.52 0.01 24.17
C PRO A 285 13.04 -1.30 23.55
N PHE A 286 12.94 -1.41 22.23
CA PHE A 286 13.41 -2.60 21.53
C PHE A 286 14.20 -2.20 20.29
N SER A 287 15.11 -3.07 19.90
CA SER A 287 15.95 -2.80 18.76
C SER A 287 16.20 -4.07 17.97
N GLY A 288 16.48 -3.86 16.68
CA GLY A 288 16.80 -4.93 15.74
C GLY A 288 17.94 -4.35 14.92
N TRP A 289 17.78 -4.32 13.60
CA TRP A 289 18.77 -3.72 12.71
C TRP A 289 17.98 -3.15 11.54
N TYR A 290 18.57 -2.16 10.87
CA TYR A 290 17.93 -1.48 9.75
C TYR A 290 17.74 -2.23 8.44
N MET A 291 16.69 -1.84 7.73
CA MET A 291 16.46 -2.32 6.39
C MET A 291 16.91 -1.03 5.68
N GLY A 292 17.77 -1.16 4.67
CA GLY A 292 18.31 0.01 3.99
C GLY A 292 17.41 1.19 3.70
N THR A 293 16.26 0.91 3.08
CA THR A 293 15.30 1.96 2.71
C THR A 293 14.82 2.87 3.83
N GLU A 294 14.78 2.39 5.07
CA GLU A 294 14.32 3.22 6.20
C GLU A 294 15.14 4.50 6.27
N ILE A 295 16.45 4.35 6.07
CA ILE A 295 17.36 5.46 6.12
C ILE A 295 17.40 6.20 4.79
N GLY A 296 17.83 5.47 3.75
CA GLY A 296 17.98 6.03 2.42
C GLY A 296 16.76 6.61 1.76
N VAL A 297 15.62 5.95 1.89
CA VAL A 297 14.41 6.47 1.29
C VAL A 297 13.69 7.44 2.22
N ARG A 298 13.33 6.96 3.41
CA ARG A 298 12.57 7.77 4.34
C ARG A 298 13.33 8.86 5.13
N ASP A 299 14.33 8.49 5.93
CA ASP A 299 15.03 9.49 6.74
C ASP A 299 15.78 10.56 5.93
N TYR A 300 16.35 10.15 4.81
CA TYR A 300 17.12 11.04 3.95
C TYR A 300 16.31 11.75 2.87
N CYS A 301 15.39 11.04 2.24
CA CYS A 301 14.60 11.63 1.15
C CYS A 301 13.19 12.16 1.41
N ASP A 302 12.59 11.85 2.55
CA ASP A 302 11.27 12.39 2.83
C ASP A 302 11.43 13.92 2.71
N ASN A 303 10.39 14.62 2.28
CA ASN A 303 10.48 16.07 2.17
C ASN A 303 10.53 16.69 3.56
N SER A 304 9.88 16.06 4.53
CA SER A 304 9.86 16.58 5.89
C SER A 304 10.94 15.98 6.79
N ARG A 305 11.92 15.31 6.19
CA ARG A 305 13.02 14.75 6.98
C ARG A 305 14.29 15.44 6.50
N TYR A 306 15.34 14.71 6.18
CA TYR A 306 16.56 15.37 5.74
C TYR A 306 16.45 15.95 4.33
N ASN A 307 15.43 15.51 3.60
CA ASN A 307 15.12 16.03 2.26
C ASN A 307 16.36 16.33 1.41
N ILE A 308 17.14 15.30 1.10
CA ILE A 308 18.37 15.48 0.34
C ILE A 308 18.37 15.10 -1.14
N LEU A 309 17.21 14.88 -1.76
CA LEU A 309 17.18 14.50 -3.16
C LEU A 309 17.79 15.53 -4.15
N GLU A 310 17.23 16.74 -4.18
CA GLU A 310 17.73 17.79 -5.07
C GLU A 310 19.24 17.85 -5.01
N GLU A 311 19.76 18.17 -3.84
CA GLU A 311 21.21 18.28 -3.65
C GLU A 311 21.96 17.11 -4.28
N VAL A 312 21.44 15.89 -4.11
CA VAL A 312 22.11 14.73 -4.68
C VAL A 312 21.95 14.67 -6.19
N ALA A 313 20.79 15.08 -6.69
CA ALA A 313 20.55 15.06 -8.13
C ALA A 313 21.46 16.09 -8.79
N LYS A 314 21.67 17.22 -8.12
CA LYS A 314 22.54 18.27 -8.64
C LYS A 314 23.93 17.69 -8.86
N LYS A 315 24.54 17.19 -7.78
CA LYS A 315 25.87 16.59 -7.83
C LYS A 315 25.98 15.52 -8.91
N MET A 316 24.87 14.86 -9.21
CA MET A 316 24.86 13.82 -10.24
C MET A 316 24.69 14.49 -11.60
N ASP A 317 24.45 15.79 -11.58
CA ASP A 317 24.25 16.57 -12.80
C ASP A 317 23.20 15.92 -13.69
N LEU A 318 21.99 15.81 -13.16
CA LEU A 318 20.87 15.21 -13.88
C LEU A 318 19.93 16.35 -14.27
N ASP A 319 19.17 16.17 -15.35
CA ASP A 319 18.23 17.19 -15.79
C ASP A 319 17.04 17.26 -14.83
N MET A 320 17.08 18.21 -13.91
CA MET A 320 16.01 18.38 -12.93
C MET A 320 14.93 19.34 -13.42
N ARG A 321 14.94 19.65 -14.71
CA ARG A 321 13.96 20.58 -15.28
C ARG A 321 12.54 20.05 -15.29
N LYS A 322 12.37 18.77 -15.61
CA LYS A 322 11.05 18.15 -15.66
C LYS A 322 11.03 16.80 -14.94
N THR A 323 9.92 16.50 -14.26
CA THR A 323 9.79 15.25 -13.51
C THR A 323 9.96 13.98 -14.35
N SER A 324 9.50 14.02 -15.59
CA SER A 324 9.57 12.86 -16.47
C SER A 324 10.97 12.34 -16.79
N SER A 325 12.03 13.03 -16.37
CA SER A 325 13.38 12.54 -16.61
C SER A 325 13.68 11.53 -15.49
N LEU A 326 12.80 11.52 -14.49
CA LEU A 326 12.92 10.63 -13.33
C LEU A 326 14.21 10.85 -12.53
N TRP A 327 14.69 12.09 -12.51
CA TRP A 327 15.90 12.42 -11.77
C TRP A 327 15.74 12.03 -10.29
N LYS A 328 14.58 12.31 -9.74
CA LYS A 328 14.29 11.97 -8.35
C LYS A 328 14.49 10.49 -8.11
N ASP A 329 13.97 9.67 -9.03
CA ASP A 329 14.07 8.22 -8.92
C ASP A 329 15.52 7.77 -9.06
N GLN A 330 16.21 8.32 -10.06
CA GLN A 330 17.61 7.96 -10.32
C GLN A 330 18.48 8.18 -9.08
N ALA A 331 18.34 9.36 -8.50
CA ALA A 331 19.09 9.75 -7.32
C ALA A 331 18.71 8.86 -6.13
N LEU A 332 17.39 8.66 -5.95
CA LEU A 332 16.90 7.81 -4.87
C LEU A 332 17.68 6.50 -4.83
N VAL A 333 17.80 5.84 -5.98
CA VAL A 333 18.51 4.57 -6.05
C VAL A 333 19.99 4.63 -5.66
N GLU A 334 20.70 5.63 -6.22
CA GLU A 334 22.12 5.76 -5.92
C GLU A 334 22.31 5.93 -4.41
N ILE A 335 21.54 6.84 -3.82
CA ILE A 335 21.60 7.07 -2.39
C ILE A 335 21.48 5.73 -1.65
N ASN A 336 20.36 5.06 -1.85
CA ASN A 336 20.14 3.78 -1.20
C ASN A 336 21.25 2.77 -1.45
N ILE A 337 21.95 2.90 -2.57
CA ILE A 337 23.08 2.00 -2.85
C ILE A 337 24.18 2.40 -1.87
N ALA A 338 24.32 3.70 -1.65
CA ALA A 338 25.34 4.26 -0.76
C ALA A 338 25.18 3.80 0.69
N VAL A 339 23.94 3.84 1.20
CA VAL A 339 23.65 3.42 2.56
C VAL A 339 24.09 1.98 2.80
N LEU A 340 23.59 1.08 1.96
CA LEU A 340 23.93 -0.34 2.09
C LEU A 340 25.44 -0.59 1.98
N TYR A 341 26.09 0.14 1.08
CA TYR A 341 27.53 0.03 0.86
C TYR A 341 28.28 0.48 2.10
N SER A 342 27.91 1.64 2.61
CA SER A 342 28.56 2.19 3.79
C SER A 342 28.45 1.23 4.98
N PHE A 343 27.22 0.84 5.33
CA PHE A 343 26.99 -0.08 6.45
C PHE A 343 27.75 -1.38 6.28
N GLN A 344 27.67 -1.95 5.08
CA GLN A 344 28.36 -3.21 4.76
C GLN A 344 29.88 -3.07 4.85
N SER A 345 30.38 -1.91 4.44
CA SER A 345 31.82 -1.66 4.48
C SER A 345 32.36 -1.74 5.90
N ASP A 346 31.65 -1.10 6.83
CA ASP A 346 32.03 -1.07 8.24
C ASP A 346 31.49 -2.26 9.02
N LYS A 347 31.08 -3.31 8.32
CA LYS A 347 30.53 -4.48 8.98
C LYS A 347 29.45 -4.18 10.03
N VAL A 348 28.48 -3.34 9.66
CA VAL A 348 27.37 -3.05 10.56
C VAL A 348 26.17 -3.73 9.90
N THR A 349 25.48 -4.58 10.65
CA THR A 349 24.33 -5.30 10.13
C THR A 349 23.30 -4.38 9.47
N ILE A 350 22.82 -4.79 8.31
CA ILE A 350 21.79 -4.04 7.58
C ILE A 350 21.26 -5.01 6.54
N VAL A 351 19.99 -4.83 6.15
CA VAL A 351 19.42 -5.72 5.15
C VAL A 351 18.79 -4.90 4.02
N ASP A 352 18.97 -5.34 2.78
CA ASP A 352 18.34 -4.60 1.68
C ASP A 352 16.87 -5.01 1.60
N HIS A 353 16.03 -4.16 1.00
CA HIS A 353 14.60 -4.45 0.90
C HIS A 353 14.25 -5.70 0.10
N HIS A 354 15.12 -6.07 -0.83
CA HIS A 354 14.84 -7.27 -1.60
C HIS A 354 14.98 -8.51 -0.69
N SER A 355 16.13 -8.60 0.00
CA SER A 355 16.39 -9.73 0.91
C SER A 355 15.37 -9.76 2.06
N ALA A 356 15.08 -8.60 2.63
CA ALA A 356 14.14 -8.52 3.74
C ALA A 356 12.74 -8.98 3.34
N THR A 357 12.25 -8.52 2.18
CA THR A 357 10.90 -8.90 1.77
C THR A 357 10.81 -10.37 1.40
N GLU A 358 11.87 -10.90 0.79
CA GLU A 358 11.93 -12.31 0.41
C GLU A 358 11.82 -13.13 1.70
N SER A 359 12.57 -12.73 2.73
CA SER A 359 12.52 -13.44 3.99
C SER A 359 11.14 -13.33 4.64
N PHE A 360 10.47 -12.20 4.47
CA PHE A 360 9.14 -12.07 5.07
C PHE A 360 8.15 -13.03 4.41
N ILE A 361 8.25 -13.19 3.09
CA ILE A 361 7.38 -14.10 2.37
C ILE A 361 7.59 -15.52 2.96
N LYS A 362 8.84 -15.90 3.13
CA LYS A 362 9.18 -17.20 3.70
C LYS A 362 8.56 -17.33 5.09
N HIS A 363 8.68 -16.27 5.89
CA HIS A 363 8.12 -16.25 7.24
C HIS A 363 6.60 -16.42 7.22
N MET A 364 5.93 -15.68 6.34
CA MET A 364 4.48 -15.79 6.21
C MET A 364 4.07 -17.24 5.98
N GLU A 365 4.74 -17.89 5.04
CA GLU A 365 4.44 -19.28 4.73
C GLU A 365 4.65 -20.17 5.96
N ASN A 366 5.78 -19.99 6.66
CA ASN A 366 6.04 -20.79 7.85
C ASN A 366 4.89 -20.56 8.83
N GLU A 367 4.55 -19.29 9.06
CA GLU A 367 3.49 -18.91 9.98
C GLU A 367 2.14 -19.49 9.57
N TYR A 368 1.84 -19.47 8.29
CA TYR A 368 0.57 -20.01 7.86
C TYR A 368 0.49 -21.51 8.12
N ARG A 369 1.57 -22.22 7.80
CA ARG A 369 1.58 -23.67 8.01
C ARG A 369 1.71 -24.07 9.47
N CYS A 370 2.33 -23.22 10.29
CA CYS A 370 2.52 -23.56 11.69
C CYS A 370 1.62 -22.88 12.71
N ARG A 371 0.88 -21.85 12.28
CA ARG A 371 0.04 -21.13 13.21
C ARG A 371 -1.32 -20.81 12.62
N GLY A 372 -1.48 -21.08 11.33
CA GLY A 372 -2.74 -20.79 10.67
C GLY A 372 -2.89 -19.35 10.19
N GLY A 373 -1.78 -18.64 10.07
CA GLY A 373 -1.85 -17.26 9.60
C GLY A 373 -0.73 -16.36 10.09
N CYS A 374 -0.77 -15.11 9.63
CA CYS A 374 0.23 -14.12 10.00
C CYS A 374 -0.36 -12.73 9.74
N PRO A 375 -0.72 -12.00 10.79
CA PRO A 375 -1.29 -10.66 10.57
C PRO A 375 -0.21 -9.79 9.90
N ALA A 376 -0.62 -9.04 8.89
CA ALA A 376 0.33 -8.20 8.18
C ALA A 376 -0.36 -7.01 7.55
N ASP A 377 0.27 -5.84 7.72
CA ASP A 377 -0.21 -4.58 7.18
C ASP A 377 0.58 -4.26 5.90
N TRP A 378 -0.03 -4.55 4.76
CA TRP A 378 0.56 -4.36 3.44
C TRP A 378 1.14 -2.95 3.25
N VAL A 379 0.39 -1.95 3.70
CA VAL A 379 0.78 -0.56 3.58
C VAL A 379 2.15 -0.28 4.19
N TRP A 380 2.48 -1.01 5.24
CA TRP A 380 3.77 -0.83 5.92
C TRP A 380 4.82 -1.87 5.49
N ILE A 381 4.37 -3.03 5.06
CA ILE A 381 5.30 -4.09 4.67
C ILE A 381 5.97 -3.82 3.34
N VAL A 382 5.22 -3.28 2.38
CA VAL A 382 5.82 -3.01 1.08
C VAL A 382 6.79 -1.83 1.27
N PRO A 383 8.07 -2.01 0.87
CA PRO A 383 9.10 -0.97 1.01
C PRO A 383 8.71 0.33 0.29
N PRO A 384 9.22 1.48 0.76
CA PRO A 384 8.93 2.78 0.15
C PRO A 384 9.53 3.06 -1.23
N MET A 385 10.27 2.10 -1.77
CA MET A 385 10.80 2.25 -3.13
C MET A 385 10.68 0.89 -3.81
N SER A 386 10.72 0.86 -5.14
CA SER A 386 10.66 -0.37 -5.91
C SER A 386 9.60 -1.37 -5.43
N GLY A 387 8.47 -0.85 -4.97
CA GLY A 387 7.41 -1.70 -4.46
C GLY A 387 7.14 -3.03 -5.17
N SER A 388 6.69 -2.97 -6.43
CA SER A 388 6.34 -4.21 -7.13
C SER A 388 7.51 -5.07 -7.57
N ILE A 389 8.72 -4.59 -7.33
CA ILE A 389 9.94 -5.34 -7.64
C ILE A 389 10.23 -6.27 -6.46
N THR A 390 9.53 -6.06 -5.34
CA THR A 390 9.69 -6.93 -4.16
C THR A 390 8.51 -7.90 -4.16
N PRO A 391 8.70 -9.12 -3.65
CA PRO A 391 7.61 -10.08 -3.64
C PRO A 391 6.39 -9.75 -2.79
N VAL A 392 6.56 -8.97 -1.72
CA VAL A 392 5.42 -8.66 -0.84
C VAL A 392 4.33 -7.81 -1.54
N PHE A 393 4.72 -7.07 -2.56
CA PHE A 393 3.77 -6.23 -3.30
C PHE A 393 2.67 -7.10 -3.91
N HIS A 394 3.07 -8.28 -4.37
CA HIS A 394 2.13 -9.20 -5.02
C HIS A 394 1.44 -10.15 -4.04
N GLN A 395 1.70 -9.94 -2.76
CA GLN A 395 1.16 -10.81 -1.71
C GLN A 395 -0.04 -10.21 -1.00
N GLU A 396 -1.18 -10.88 -1.12
CA GLU A 396 -2.36 -10.41 -0.40
C GLU A 396 -2.10 -10.65 1.09
N MET A 397 -2.47 -9.70 1.94
CA MET A 397 -2.25 -9.83 3.37
C MET A 397 -3.49 -9.47 4.18
N LEU A 398 -3.68 -10.13 5.30
CA LEU A 398 -4.82 -9.82 6.16
C LEU A 398 -4.25 -9.19 7.40
N ASN A 399 -4.76 -8.01 7.76
CA ASN A 399 -4.31 -7.31 8.94
C ASN A 399 -5.37 -7.45 10.04
N TYR A 400 -4.93 -7.86 11.22
CA TYR A 400 -5.80 -7.99 12.38
C TYR A 400 -4.93 -7.88 13.63
N ARG A 401 -5.54 -7.57 14.76
CA ARG A 401 -4.80 -7.40 16.01
C ARG A 401 -4.87 -8.57 16.98
N LEU A 402 -3.71 -9.17 17.25
CA LEU A 402 -3.56 -10.28 18.17
C LEU A 402 -2.79 -9.77 19.37
N THR A 403 -2.90 -10.46 20.50
CA THR A 403 -2.18 -10.03 21.69
C THR A 403 -1.42 -11.25 22.20
N PRO A 404 -0.29 -11.06 22.89
CA PRO A 404 0.44 -9.84 23.29
C PRO A 404 0.71 -8.92 22.10
N SER A 405 0.86 -7.63 22.34
CA SER A 405 1.11 -6.68 21.25
C SER A 405 1.85 -5.40 21.64
N PHE A 406 2.32 -4.70 20.61
CA PHE A 406 2.99 -3.41 20.77
C PHE A 406 1.99 -2.37 20.29
N GLU A 407 1.65 -1.43 21.16
CA GLU A 407 0.69 -0.40 20.83
C GLU A 407 1.29 0.98 20.87
N TYR A 408 0.66 1.91 20.15
CA TYR A 408 1.10 3.29 20.14
C TYR A 408 0.61 3.91 21.44
N GLN A 409 1.24 5.00 21.86
CA GLN A 409 0.83 5.69 23.07
C GLN A 409 1.20 7.17 22.98
N PRO A 410 0.40 8.04 23.62
CA PRO A 410 0.60 9.49 23.62
C PRO A 410 1.98 9.91 24.06
N ASP A 411 2.56 10.91 23.40
CA ASP A 411 3.86 11.41 23.81
C ASP A 411 3.65 11.88 25.24
N PRO A 412 4.51 11.43 26.17
CA PRO A 412 4.38 11.81 27.59
C PRO A 412 4.26 13.32 27.85
N TRP A 413 4.96 14.14 27.07
CA TRP A 413 4.90 15.59 27.30
C TRP A 413 3.52 16.17 27.00
N ASN A 414 2.54 15.29 26.83
CA ASN A 414 1.17 15.70 26.57
C ASN A 414 0.30 14.98 27.59
N THR A 415 0.91 14.54 28.68
CA THR A 415 0.21 13.81 29.74
C THR A 415 0.88 14.07 31.09
N HIS A 416 2.18 14.34 31.07
CA HIS A 416 2.93 14.60 32.30
C HIS A 416 2.39 15.84 33.03
N VAL A 417 3.03 16.18 34.14
CA VAL A 417 2.66 17.34 34.94
C VAL A 417 3.80 17.62 35.91
N TRP A 418 4.72 18.45 35.47
CA TRP A 418 5.89 18.79 36.29
C TRP A 418 5.57 19.26 37.72
N ARG B 1 -21.54 10.96 11.26
CA ARG B 1 -20.19 10.93 11.88
C ARG B 1 -19.09 11.39 10.91
N PHE B 2 -18.21 12.27 11.40
CA PHE B 2 -17.12 12.80 10.57
C PHE B 2 -15.84 11.97 10.73
N LEU B 3 -15.10 11.81 9.65
CA LEU B 3 -13.84 11.06 9.65
C LEU B 3 -12.76 11.94 9.07
N LYS B 4 -11.62 12.05 9.75
CA LYS B 4 -10.55 12.90 9.26
C LYS B 4 -9.34 12.15 8.72
N VAL B 5 -8.76 12.67 7.65
CA VAL B 5 -7.57 12.08 7.03
C VAL B 5 -6.50 13.16 7.04
N LYS B 6 -5.28 12.75 7.36
CA LYS B 6 -4.15 13.65 7.45
C LYS B 6 -3.04 13.31 6.47
N ASN B 7 -2.36 14.33 5.96
CA ASN B 7 -1.23 14.12 5.08
C ASN B 7 -0.06 14.37 6.02
N TRP B 8 0.79 13.36 6.19
CA TRP B 8 1.91 13.48 7.12
C TRP B 8 3.10 14.29 6.63
N GLU B 9 3.09 14.67 5.37
CA GLU B 9 4.16 15.47 4.80
C GLU B 9 3.80 16.97 4.85
N THR B 10 2.51 17.27 4.91
CA THR B 10 2.04 18.66 4.93
C THR B 10 1.12 18.99 6.10
N ASP B 11 0.90 18.01 6.96
CA ASP B 11 0.02 18.18 8.11
C ASP B 11 -1.41 18.60 7.77
N VAL B 12 -1.69 18.80 6.48
CA VAL B 12 -3.03 19.17 6.04
C VAL B 12 -4.00 18.07 6.49
N VAL B 13 -5.09 18.46 7.15
CA VAL B 13 -6.10 17.51 7.61
C VAL B 13 -7.39 17.75 6.85
N LEU B 14 -8.09 16.67 6.48
CA LEU B 14 -9.35 16.80 5.75
C LEU B 14 -10.45 16.01 6.45
N THR B 15 -11.68 16.47 6.31
CA THR B 15 -12.81 15.81 6.95
C THR B 15 -13.70 15.18 5.91
N ASP B 16 -14.03 13.91 6.14
CA ASP B 16 -14.86 13.15 5.21
C ASP B 16 -16.25 12.88 5.75
N THR B 17 -17.24 13.33 5.00
CA THR B 17 -18.64 13.13 5.36
C THR B 17 -19.25 12.25 4.27
N LEU B 18 -18.67 12.34 3.07
CA LEU B 18 -19.17 11.59 1.92
C LEU B 18 -19.30 10.08 2.16
N HIS B 19 -18.48 9.53 3.06
CA HIS B 19 -18.55 8.09 3.33
C HIS B 19 -19.90 7.66 3.89
N LEU B 20 -20.65 8.62 4.43
CA LEU B 20 -21.96 8.32 5.00
C LEU B 20 -22.92 7.91 3.89
N LYS B 21 -22.68 8.40 2.68
CA LYS B 21 -23.53 8.08 1.54
C LYS B 21 -23.16 6.74 0.93
N SER B 22 -22.36 5.95 1.65
CA SER B 22 -21.95 4.64 1.16
C SER B 22 -22.80 3.55 1.77
N THR B 23 -23.35 2.68 0.94
CA THR B 23 -24.19 1.59 1.45
C THR B 23 -23.57 0.23 1.13
N LEU B 24 -22.76 0.17 0.07
CA LEU B 24 -22.11 -1.08 -0.30
C LEU B 24 -21.03 -1.45 0.72
N GLU B 25 -20.58 -2.70 0.68
CA GLU B 25 -19.57 -3.18 1.63
C GLU B 25 -18.14 -3.16 1.07
N THR B 26 -17.17 -3.13 1.97
CA THR B 26 -15.75 -3.08 1.58
C THR B 26 -15.08 -4.45 1.58
N GLY B 27 -15.43 -5.27 2.56
CA GLY B 27 -14.83 -6.60 2.66
C GLY B 27 -14.14 -6.69 4.00
N CYS B 28 -13.91 -5.54 4.62
CA CYS B 28 -13.26 -5.47 5.92
C CYS B 28 -14.35 -5.51 7.00
N THR B 29 -13.92 -5.72 8.24
CA THR B 29 -14.82 -5.74 9.39
C THR B 29 -14.11 -5.03 10.53
N GLU B 30 -14.79 -4.89 11.66
CA GLU B 30 -14.20 -4.23 12.82
C GLU B 30 -12.97 -5.00 13.30
N HIS B 31 -12.90 -6.28 12.95
CA HIS B 31 -11.81 -7.14 13.37
C HIS B 31 -10.79 -7.51 12.31
N ILE B 32 -11.01 -7.11 11.05
CA ILE B 32 -10.04 -7.44 10.03
C ILE B 32 -10.06 -6.49 8.86
N CYS B 33 -8.89 -6.22 8.30
CA CYS B 33 -8.78 -5.32 7.16
C CYS B 33 -8.35 -6.13 5.97
N MET B 34 -9.13 -6.02 4.89
CA MET B 34 -8.82 -6.76 3.67
C MET B 34 -8.43 -5.77 2.58
N GLY B 35 -7.87 -4.63 3.01
CA GLY B 35 -7.48 -3.59 2.09
C GLY B 35 -6.48 -3.96 1.00
N SER B 36 -5.79 -5.08 1.17
CA SER B 36 -4.80 -5.50 0.16
C SER B 36 -5.26 -6.73 -0.64
N ILE B 37 -6.52 -7.11 -0.50
CA ILE B 37 -7.07 -8.24 -1.25
C ILE B 37 -7.52 -7.66 -2.60
N MET B 38 -7.10 -8.27 -3.71
CA MET B 38 -7.47 -7.77 -5.03
C MET B 38 -8.97 -7.81 -5.30
N LEU B 39 -9.59 -8.96 -5.03
CA LEU B 39 -11.03 -9.13 -5.23
C LEU B 39 -11.66 -9.54 -3.91
N PRO B 40 -11.96 -8.57 -3.04
CA PRO B 40 -12.57 -8.85 -1.73
C PRO B 40 -13.82 -9.73 -1.82
N VAL B 50 -29.39 -11.60 -11.63
CA VAL B 50 -30.08 -10.41 -12.13
C VAL B 50 -30.98 -9.83 -11.04
N ARG B 51 -31.11 -8.49 -11.02
CA ARG B 51 -31.91 -7.83 -10.01
C ARG B 51 -33.42 -7.96 -10.23
N THR B 52 -34.18 -7.78 -9.15
CA THR B 52 -35.63 -7.86 -9.19
C THR B 52 -36.25 -6.51 -8.85
N LYS B 53 -37.51 -6.32 -9.27
CA LYS B 53 -38.25 -5.08 -9.03
C LYS B 53 -38.03 -4.63 -7.59
N ASP B 54 -38.31 -5.53 -6.66
CA ASP B 54 -38.15 -5.31 -5.24
C ASP B 54 -36.92 -4.45 -4.97
N GLN B 55 -35.78 -4.93 -5.46
CA GLN B 55 -34.51 -4.26 -5.26
C GLN B 55 -34.15 -3.16 -6.26
N LEU B 56 -34.78 -3.16 -7.43
CA LEU B 56 -34.48 -2.15 -8.44
C LEU B 56 -35.04 -0.75 -8.15
N PHE B 57 -36.29 -0.68 -7.71
CA PHE B 57 -36.91 0.61 -7.39
C PHE B 57 -36.03 1.52 -6.53
N PRO B 58 -35.57 1.03 -5.36
CA PRO B 58 -34.73 1.80 -4.44
C PRO B 58 -33.47 2.36 -5.10
N LEU B 59 -32.78 1.50 -5.83
CA LEU B 59 -31.55 1.87 -6.52
C LEU B 59 -31.80 2.97 -7.55
N ALA B 60 -32.90 2.83 -8.30
CA ALA B 60 -33.21 3.82 -9.32
C ALA B 60 -33.47 5.17 -8.64
N LYS B 61 -34.27 5.18 -7.58
CA LYS B 61 -34.61 6.41 -6.88
C LYS B 61 -33.37 7.15 -6.36
N GLU B 62 -32.53 6.42 -5.63
CA GLU B 62 -31.30 7.00 -5.07
C GLU B 62 -30.53 7.70 -6.20
N PHE B 63 -30.39 7.00 -7.32
CA PHE B 63 -29.68 7.54 -8.45
C PHE B 63 -30.35 8.82 -9.01
N LEU B 64 -31.64 8.73 -9.32
CA LEU B 64 -32.37 9.87 -9.85
C LEU B 64 -32.32 11.03 -8.87
N ASP B 65 -32.33 10.72 -7.58
CA ASP B 65 -32.24 11.77 -6.58
C ASP B 65 -30.87 12.45 -6.69
N GLN B 66 -29.83 11.63 -6.84
CA GLN B 66 -28.47 12.16 -6.95
C GLN B 66 -28.37 13.00 -8.21
N TYR B 67 -28.95 12.48 -9.29
CA TYR B 67 -28.92 13.15 -10.58
C TYR B 67 -29.64 14.50 -10.53
N TYR B 68 -30.89 14.49 -10.08
CA TYR B 68 -31.63 15.75 -10.03
C TYR B 68 -31.04 16.78 -9.10
N SER B 69 -30.37 16.33 -8.04
CA SER B 69 -29.72 17.26 -7.13
C SER B 69 -28.53 17.90 -7.84
N SER B 70 -27.82 17.10 -8.64
CA SER B 70 -26.66 17.61 -9.37
C SER B 70 -27.03 18.72 -10.36
N ILE B 71 -28.19 18.62 -11.00
CA ILE B 71 -28.60 19.65 -11.96
C ILE B 71 -29.41 20.77 -11.28
N LYS B 72 -29.52 20.67 -9.95
CA LYS B 72 -30.27 21.66 -9.16
C LYS B 72 -31.77 21.66 -9.47
N ARG B 73 -32.33 20.46 -9.60
CA ARG B 73 -33.74 20.31 -9.88
C ARG B 73 -34.37 19.33 -8.91
N PHE B 74 -33.75 19.19 -7.74
CA PHE B 74 -34.28 18.28 -6.73
C PHE B 74 -35.66 18.71 -6.26
N GLY B 75 -36.62 17.81 -6.36
CA GLY B 75 -37.97 18.12 -5.92
C GLY B 75 -38.83 18.77 -7.01
N SER B 76 -38.19 19.18 -8.10
CA SER B 76 -38.91 19.83 -9.20
C SER B 76 -40.01 18.89 -9.73
N LYS B 77 -40.78 19.40 -10.69
CA LYS B 77 -41.84 18.58 -11.27
C LYS B 77 -41.18 17.52 -12.15
N ALA B 78 -40.17 17.95 -12.91
CA ALA B 78 -39.44 17.05 -13.79
C ALA B 78 -38.87 15.86 -13.01
N HIS B 79 -38.32 16.15 -11.82
CA HIS B 79 -37.77 15.11 -10.95
C HIS B 79 -38.86 14.13 -10.55
N MET B 80 -39.97 14.65 -10.05
CA MET B 80 -41.07 13.80 -9.62
C MET B 80 -41.67 13.03 -10.79
N ASP B 81 -41.84 13.69 -11.93
CA ASP B 81 -42.40 13.03 -13.10
C ASP B 81 -41.49 11.89 -13.55
N ARG B 82 -40.18 12.14 -13.53
CA ARG B 82 -39.20 11.14 -13.94
C ARG B 82 -39.25 9.93 -13.01
N LEU B 83 -39.35 10.16 -11.70
CA LEU B 83 -39.43 9.05 -10.74
C LEU B 83 -40.69 8.22 -10.98
N GLU B 84 -41.80 8.90 -11.25
CA GLU B 84 -43.05 8.19 -11.50
C GLU B 84 -42.92 7.38 -12.78
N GLU B 85 -42.35 7.99 -13.81
CA GLU B 85 -42.16 7.34 -15.11
C GLU B 85 -41.31 6.06 -15.00
N VAL B 86 -40.22 6.14 -14.23
CA VAL B 86 -39.32 5.01 -14.06
C VAL B 86 -39.99 3.89 -13.28
N ASN B 87 -40.72 4.24 -12.23
CA ASN B 87 -41.40 3.24 -11.43
C ASN B 87 -42.47 2.51 -12.25
N LYS B 88 -43.22 3.26 -13.05
CA LYS B 88 -44.25 2.63 -13.87
C LYS B 88 -43.55 1.64 -14.80
N GLU B 89 -42.47 2.10 -15.42
CA GLU B 89 -41.70 1.29 -16.36
C GLU B 89 -41.14 0.03 -15.73
N ILE B 90 -40.69 0.13 -14.48
CA ILE B 90 -40.14 -1.02 -13.79
C ILE B 90 -41.23 -2.06 -13.52
N GLU B 91 -42.36 -1.63 -12.96
CA GLU B 91 -43.46 -2.55 -12.66
C GLU B 91 -43.98 -3.14 -13.97
N SER B 92 -43.97 -2.32 -15.02
CA SER B 92 -44.46 -2.73 -16.33
C SER B 92 -43.50 -3.56 -17.17
N THR B 93 -42.19 -3.43 -16.93
CA THR B 93 -41.23 -4.19 -17.72
C THR B 93 -40.11 -4.85 -16.92
N SER B 94 -40.11 -4.62 -15.61
CA SER B 94 -39.09 -5.18 -14.70
C SER B 94 -37.72 -4.54 -14.89
N THR B 95 -37.69 -3.40 -15.56
CA THR B 95 -36.45 -2.70 -15.79
C THR B 95 -36.83 -1.26 -16.15
N TYR B 96 -35.89 -0.54 -16.75
CA TYR B 96 -36.13 0.83 -17.17
C TYR B 96 -34.94 1.32 -17.97
N GLN B 97 -35.18 2.28 -18.84
CA GLN B 97 -34.13 2.85 -19.67
C GLN B 97 -33.70 4.22 -19.17
N LEU B 98 -32.40 4.43 -19.13
CA LEU B 98 -31.85 5.70 -18.69
C LEU B 98 -31.94 6.70 -19.85
N LYS B 99 -32.15 7.97 -19.52
CA LYS B 99 -32.18 9.01 -20.53
C LYS B 99 -30.71 9.22 -20.90
N ASP B 100 -30.43 9.83 -22.06
CA ASP B 100 -29.03 10.06 -22.46
C ASP B 100 -28.27 10.84 -21.40
N THR B 101 -28.89 11.91 -20.90
CA THR B 101 -28.27 12.76 -19.89
C THR B 101 -27.92 12.00 -18.62
N GLU B 102 -28.79 11.08 -18.22
CA GLU B 102 -28.58 10.28 -17.02
C GLU B 102 -27.41 9.31 -17.24
N LEU B 103 -27.35 8.74 -18.44
CA LEU B 103 -26.29 7.79 -18.76
C LEU B 103 -24.94 8.49 -18.66
N ILE B 104 -24.84 9.68 -19.26
CA ILE B 104 -23.60 10.45 -19.24
C ILE B 104 -23.21 10.78 -17.81
N TYR B 105 -24.19 11.26 -17.04
CA TYR B 105 -23.96 11.60 -15.64
C TYR B 105 -23.49 10.36 -14.89
N GLY B 106 -24.16 9.24 -15.13
CA GLY B 106 -23.82 7.99 -14.47
C GLY B 106 -22.42 7.51 -14.78
N ALA B 107 -22.04 7.51 -16.07
CA ALA B 107 -20.71 7.06 -16.49
C ALA B 107 -19.62 7.91 -15.85
N LYS B 108 -19.79 9.23 -15.92
CA LYS B 108 -18.82 10.14 -15.36
C LYS B 108 -18.64 9.92 -13.85
N HIS B 109 -19.74 9.66 -13.14
CA HIS B 109 -19.64 9.46 -11.70
C HIS B 109 -19.08 8.11 -11.32
N ALA B 110 -19.29 7.10 -12.16
CA ALA B 110 -18.71 5.80 -11.88
C ALA B 110 -17.19 6.03 -11.88
N TRP B 111 -16.71 6.86 -12.82
CA TRP B 111 -15.27 7.15 -12.88
C TRP B 111 -14.85 7.96 -11.64
N ARG B 112 -15.63 8.99 -11.34
CA ARG B 112 -15.38 9.84 -10.18
C ARG B 112 -15.33 9.00 -8.88
N ASN B 113 -16.10 7.92 -8.83
CA ASN B 113 -16.16 7.06 -7.64
C ASN B 113 -15.17 5.88 -7.61
N ALA B 114 -14.43 5.69 -8.71
CA ALA B 114 -13.48 4.58 -8.81
C ALA B 114 -12.31 4.82 -7.87
N SER B 115 -12.34 4.20 -6.70
CA SER B 115 -11.29 4.44 -5.72
C SER B 115 -9.86 4.05 -6.10
N ARG B 116 -9.69 3.11 -7.04
CA ARG B 116 -8.35 2.69 -7.45
C ARG B 116 -7.75 3.54 -8.56
N CYS B 117 -8.49 4.50 -9.10
CA CYS B 117 -7.98 5.31 -10.20
C CYS B 117 -7.32 6.62 -9.79
N VAL B 118 -6.05 6.75 -10.14
CA VAL B 118 -5.28 7.94 -9.82
C VAL B 118 -5.49 9.07 -10.85
N GLY B 119 -6.18 8.79 -11.95
CA GLY B 119 -6.36 9.83 -12.96
C GLY B 119 -7.71 10.56 -12.90
N ARG B 120 -8.37 10.44 -11.76
CA ARG B 120 -9.70 11.01 -11.65
C ARG B 120 -9.85 12.53 -11.73
N ILE B 121 -8.74 13.26 -11.75
CA ILE B 121 -8.86 14.71 -11.85
C ILE B 121 -9.57 15.05 -13.16
N GLN B 122 -9.51 14.13 -14.13
CA GLN B 122 -10.12 14.32 -15.44
C GLN B 122 -11.57 13.80 -15.57
N TRP B 123 -12.15 13.34 -14.46
CA TRP B 123 -13.46 12.69 -14.51
C TRP B 123 -14.61 13.37 -15.25
N SER B 124 -14.71 14.69 -15.13
CA SER B 124 -15.79 15.39 -15.80
C SER B 124 -15.62 15.54 -17.32
N LYS B 125 -14.43 15.31 -17.85
CA LYS B 125 -14.22 15.45 -19.30
C LYS B 125 -14.37 14.18 -20.15
N LEU B 126 -14.90 13.14 -19.54
CA LEU B 126 -15.13 11.86 -20.21
C LEU B 126 -16.06 11.99 -21.40
N GLN B 127 -15.69 11.41 -22.54
CA GLN B 127 -16.56 11.43 -23.70
C GLN B 127 -17.35 10.12 -23.61
N VAL B 128 -18.68 10.22 -23.58
CA VAL B 128 -19.49 9.03 -23.50
C VAL B 128 -20.16 8.67 -24.82
N PHE B 129 -19.93 7.44 -25.29
CA PHE B 129 -20.54 6.97 -26.52
C PHE B 129 -21.64 5.99 -26.16
N ASP B 130 -22.86 6.34 -26.58
CA ASP B 130 -24.05 5.57 -26.29
C ASP B 130 -24.24 4.52 -27.35
N ALA B 131 -23.91 3.26 -27.04
CA ALA B 131 -24.06 2.17 -28.00
C ALA B 131 -25.20 1.23 -27.58
N ARG B 132 -26.19 1.77 -26.88
CA ARG B 132 -27.31 0.96 -26.41
C ARG B 132 -28.25 0.45 -27.51
N ASP B 133 -28.09 0.98 -28.73
CA ASP B 133 -28.92 0.52 -29.84
C ASP B 133 -28.23 -0.64 -30.58
N CYS B 134 -27.04 -1.02 -30.12
CA CYS B 134 -26.27 -2.11 -30.74
C CYS B 134 -26.96 -3.46 -30.51
N THR B 135 -26.96 -4.33 -31.53
CA THR B 135 -27.63 -5.62 -31.42
C THR B 135 -26.79 -6.83 -31.83
N THR B 136 -25.66 -6.59 -32.49
CA THR B 136 -24.84 -7.71 -32.96
C THR B 136 -23.36 -7.49 -32.73
N ALA B 137 -22.59 -8.57 -32.79
CA ALA B 137 -21.15 -8.54 -32.61
C ALA B 137 -20.49 -7.60 -33.63
N HIS B 138 -20.97 -7.64 -34.87
CA HIS B 138 -20.42 -6.77 -35.90
C HIS B 138 -20.68 -5.31 -35.51
N GLY B 139 -21.85 -5.06 -34.95
CA GLY B 139 -22.22 -3.72 -34.50
C GLY B 139 -21.26 -3.29 -33.41
N MET B 140 -20.97 -4.21 -32.49
CA MET B 140 -20.05 -3.93 -31.40
C MET B 140 -18.67 -3.58 -31.94
N PHE B 141 -18.23 -4.33 -32.95
CA PHE B 141 -16.92 -4.10 -33.57
C PHE B 141 -16.87 -2.69 -34.13
N ASN B 142 -17.91 -2.29 -34.86
CA ASN B 142 -17.95 -0.95 -35.43
C ASN B 142 -17.86 0.09 -34.31
N TYR B 143 -18.67 -0.05 -33.27
CA TYR B 143 -18.61 0.94 -32.19
C TYR B 143 -17.21 1.01 -31.57
N ILE B 144 -16.60 -0.15 -31.40
CA ILE B 144 -15.27 -0.20 -30.80
C ILE B 144 -14.21 0.44 -31.68
N CYS B 145 -14.30 0.22 -32.98
CA CYS B 145 -13.30 0.82 -33.87
C CYS B 145 -13.40 2.34 -33.76
N ASN B 146 -14.62 2.86 -33.73
CA ASN B 146 -14.84 4.31 -33.62
C ASN B 146 -14.33 4.87 -32.30
N HIS B 147 -14.45 4.07 -31.25
CA HIS B 147 -13.99 4.50 -29.93
C HIS B 147 -12.47 4.60 -30.00
N VAL B 148 -11.82 3.55 -30.50
CA VAL B 148 -10.37 3.55 -30.58
C VAL B 148 -9.83 4.73 -31.41
N LYS B 149 -10.45 5.00 -32.54
CA LYS B 149 -9.96 6.10 -33.38
C LYS B 149 -10.21 7.46 -32.68
N TYR B 150 -11.40 7.64 -32.13
CA TYR B 150 -11.69 8.87 -31.42
C TYR B 150 -10.74 9.06 -30.24
N ALA B 151 -10.57 8.02 -29.43
CA ALA B 151 -9.72 8.14 -28.26
C ALA B 151 -8.23 8.30 -28.56
N THR B 152 -7.76 7.63 -29.61
CA THR B 152 -6.36 7.71 -29.98
C THR B 152 -6.03 9.10 -30.48
N ASN B 153 -6.91 9.65 -31.32
CA ASN B 153 -6.75 11.02 -31.82
C ASN B 153 -5.30 11.33 -32.23
N LYS B 154 -4.72 10.42 -33.00
CA LYS B 154 -3.36 10.53 -33.50
C LYS B 154 -2.29 10.77 -32.45
N GLY B 155 -2.53 10.34 -31.21
CA GLY B 155 -1.53 10.50 -30.18
C GLY B 155 -1.91 11.48 -29.09
N ASN B 156 -2.88 12.33 -29.38
CA ASN B 156 -3.36 13.32 -28.43
C ASN B 156 -4.59 12.63 -27.83
N LEU B 157 -4.34 11.63 -26.99
CA LEU B 157 -5.40 10.84 -26.38
C LEU B 157 -6.52 11.56 -25.67
N ARG B 158 -7.73 11.05 -25.86
CA ARG B 158 -8.92 11.60 -25.23
C ARG B 158 -9.66 10.49 -24.49
N SER B 159 -10.02 10.74 -23.23
CA SER B 159 -10.74 9.74 -22.44
C SER B 159 -12.13 9.47 -23.05
N ALA B 160 -12.54 8.21 -23.04
CA ALA B 160 -13.84 7.86 -23.58
C ALA B 160 -14.35 6.53 -23.05
N ILE B 161 -15.65 6.29 -23.22
CA ILE B 161 -16.25 5.04 -22.81
C ILE B 161 -17.38 4.76 -23.77
N THR B 162 -17.56 3.49 -24.13
CA THR B 162 -18.63 3.09 -25.03
C THR B 162 -19.54 2.18 -24.19
N ILE B 163 -20.83 2.48 -24.17
CA ILE B 163 -21.76 1.70 -23.36
C ILE B 163 -22.77 0.91 -24.17
N PHE B 164 -22.63 -0.42 -24.15
CA PHE B 164 -23.49 -1.32 -24.88
C PHE B 164 -24.76 -1.62 -24.05
N PRO B 165 -25.77 -2.27 -24.65
CA PRO B 165 -27.00 -2.58 -23.92
C PRO B 165 -26.83 -3.23 -22.55
N GLN B 166 -27.66 -2.80 -21.61
CA GLN B 166 -27.65 -3.31 -20.25
C GLN B 166 -28.13 -4.73 -20.16
N ARG B 167 -27.79 -5.39 -19.06
CA ARG B 167 -28.21 -6.76 -18.81
C ARG B 167 -29.73 -6.77 -18.61
N THR B 168 -30.39 -7.84 -19.04
CA THR B 168 -31.84 -7.95 -18.87
C THR B 168 -32.15 -9.19 -18.02
N ASP B 169 -32.13 -10.35 -18.64
CA ASP B 169 -32.40 -11.57 -17.88
C ASP B 169 -31.12 -12.33 -17.55
N GLY B 170 -29.97 -11.78 -17.96
CA GLY B 170 -28.70 -12.41 -17.67
C GLY B 170 -28.34 -13.50 -18.67
N LYS B 171 -29.23 -13.72 -19.62
CA LYS B 171 -29.04 -14.73 -20.65
C LYS B 171 -28.79 -14.05 -22.00
N HIS B 172 -28.85 -12.73 -22.01
CA HIS B 172 -28.66 -11.95 -23.24
C HIS B 172 -27.58 -10.88 -23.08
N ASP B 173 -26.59 -11.17 -22.23
CA ASP B 173 -25.51 -10.24 -21.96
C ASP B 173 -24.64 -9.85 -23.14
N PHE B 174 -24.18 -8.61 -23.12
CA PHE B 174 -23.24 -8.13 -24.12
C PHE B 174 -21.95 -8.15 -23.32
N ARG B 175 -20.88 -8.68 -23.92
CA ARG B 175 -19.59 -8.76 -23.25
C ARG B 175 -18.45 -8.59 -24.23
N VAL B 176 -17.38 -7.98 -23.77
CA VAL B 176 -16.17 -7.86 -24.57
C VAL B 176 -15.30 -8.88 -23.81
N TRP B 177 -14.97 -9.99 -24.47
CA TRP B 177 -14.16 -11.03 -23.82
C TRP B 177 -12.71 -10.61 -23.56
N ASN B 178 -12.19 -9.68 -24.34
CA ASN B 178 -10.82 -9.18 -24.12
C ASN B 178 -10.82 -8.44 -22.79
N SER B 179 -9.68 -8.44 -22.10
CA SER B 179 -9.56 -7.72 -20.83
C SER B 179 -9.30 -6.23 -21.13
N GLN B 180 -8.65 -5.93 -22.25
CA GLN B 180 -8.42 -4.56 -22.75
C GLN B 180 -8.66 -4.63 -24.27
N LEU B 181 -9.13 -3.54 -24.88
CA LEU B 181 -9.40 -3.55 -26.32
C LEU B 181 -8.14 -3.90 -27.07
N ILE B 182 -7.02 -3.35 -26.65
CA ILE B 182 -5.73 -3.61 -27.29
C ILE B 182 -4.80 -4.25 -26.27
N ARG B 183 -4.24 -5.39 -26.63
CA ARG B 183 -3.35 -6.12 -25.75
C ARG B 183 -2.59 -7.15 -26.58
N TYR B 184 -1.42 -7.57 -26.11
CA TYR B 184 -0.60 -8.53 -26.85
C TYR B 184 -0.84 -9.98 -26.44
N ALA B 185 -0.81 -10.86 -27.42
CA ALA B 185 -1.03 -12.28 -27.19
C ALA B 185 0.10 -12.87 -26.37
N GLY B 186 -0.20 -14.01 -25.74
CA GLY B 186 0.78 -14.71 -24.93
C GLY B 186 0.72 -16.17 -25.37
N TYR B 187 1.86 -16.82 -25.55
CA TYR B 187 1.83 -18.23 -25.98
C TYR B 187 2.73 -19.11 -25.12
N LYS B 188 2.13 -20.15 -24.55
CA LYS B 188 2.86 -21.10 -23.71
C LYS B 188 3.59 -22.03 -24.66
N GLN B 189 4.91 -22.12 -24.55
CA GLN B 189 5.70 -22.99 -25.41
C GLN B 189 5.84 -24.39 -24.79
N PRO B 190 6.07 -25.42 -25.61
CA PRO B 190 6.20 -26.76 -24.98
C PRO B 190 7.38 -26.89 -24.01
N ASP B 191 8.40 -26.04 -24.13
CA ASP B 191 9.51 -26.13 -23.19
C ASP B 191 9.19 -25.40 -21.88
N GLY B 192 7.96 -24.92 -21.77
CA GLY B 192 7.53 -24.25 -20.55
C GLY B 192 7.73 -22.75 -20.52
N SER B 193 8.39 -22.20 -21.52
CA SER B 193 8.60 -20.76 -21.54
C SER B 193 7.34 -20.14 -22.15
N THR B 194 7.27 -18.81 -22.14
CA THR B 194 6.12 -18.15 -22.71
C THR B 194 6.60 -17.08 -23.67
N LEU B 195 5.99 -17.04 -24.85
CA LEU B 195 6.34 -16.06 -25.86
C LEU B 195 5.23 -15.00 -25.78
N GLY B 196 5.64 -13.74 -25.67
CA GLY B 196 4.66 -12.67 -25.58
C GLY B 196 4.28 -12.38 -24.15
N ASP B 197 3.05 -11.88 -23.96
CA ASP B 197 2.57 -11.50 -22.64
C ASP B 197 1.90 -12.65 -21.90
N PRO B 198 2.53 -13.15 -20.83
CA PRO B 198 1.99 -14.26 -20.04
C PRO B 198 0.60 -13.99 -19.47
N ALA B 199 0.29 -12.72 -19.22
CA ALA B 199 -1.02 -12.37 -18.67
C ALA B 199 -2.18 -12.76 -19.60
N ASN B 200 -1.92 -12.82 -20.90
CA ASN B 200 -2.98 -13.12 -21.85
C ASN B 200 -2.96 -14.51 -22.50
N VAL B 201 -2.22 -15.43 -21.88
CA VAL B 201 -2.14 -16.79 -22.42
C VAL B 201 -3.49 -17.50 -22.53
N GLN B 202 -4.27 -17.47 -21.47
CA GLN B 202 -5.56 -18.13 -21.53
C GLN B 202 -6.48 -17.55 -22.59
N PHE B 203 -6.57 -16.22 -22.65
CA PHE B 203 -7.42 -15.58 -23.63
C PHE B 203 -6.92 -15.85 -25.07
N THR B 204 -5.61 -15.87 -25.24
CA THR B 204 -5.02 -16.13 -26.55
C THR B 204 -5.42 -17.56 -26.99
N GLU B 205 -5.37 -18.51 -26.07
CA GLU B 205 -5.76 -19.87 -26.39
C GLU B 205 -7.21 -19.91 -26.87
N ILE B 206 -8.09 -19.15 -26.20
CA ILE B 206 -9.50 -19.11 -26.58
C ILE B 206 -9.64 -18.54 -27.99
N CYS B 207 -8.91 -17.47 -28.30
CA CYS B 207 -8.96 -16.86 -29.62
C CYS B 207 -8.55 -17.84 -30.70
N ILE B 208 -7.44 -18.53 -30.49
CA ILE B 208 -6.94 -19.52 -31.43
C ILE B 208 -8.00 -20.59 -31.67
N GLN B 209 -8.62 -21.05 -30.59
CA GLN B 209 -9.63 -22.08 -30.71
C GLN B 209 -10.83 -21.57 -31.50
N GLN B 210 -11.14 -20.29 -31.32
CA GLN B 210 -12.26 -19.69 -32.02
C GLN B 210 -11.93 -19.47 -33.48
N GLY B 211 -10.68 -19.74 -33.86
CA GLY B 211 -10.32 -19.59 -35.26
C GLY B 211 -9.24 -18.58 -35.61
N TRP B 212 -8.75 -17.83 -34.62
CA TRP B 212 -7.71 -16.85 -34.88
C TRP B 212 -6.40 -17.48 -35.32
N LYS B 213 -5.85 -16.97 -36.42
CA LYS B 213 -4.58 -17.44 -36.96
C LYS B 213 -3.49 -16.61 -36.30
N ALA B 214 -2.88 -17.15 -35.25
CA ALA B 214 -1.84 -16.43 -34.52
C ALA B 214 -0.50 -16.34 -35.21
N PRO B 215 0.04 -15.11 -35.34
CA PRO B 215 1.33 -14.94 -35.99
C PRO B 215 2.48 -15.35 -35.05
N ARG B 216 2.12 -15.77 -33.84
CA ARG B 216 3.07 -16.20 -32.81
C ARG B 216 4.34 -15.36 -32.68
N GLY B 217 4.16 -14.07 -32.48
CA GLY B 217 5.28 -13.16 -32.29
C GLY B 217 5.28 -12.71 -30.84
N ARG B 218 6.17 -11.80 -30.50
CA ARG B 218 6.28 -11.32 -29.13
C ARG B 218 5.31 -10.19 -28.80
N PHE B 219 4.83 -9.52 -29.85
CA PHE B 219 3.89 -8.42 -29.66
C PHE B 219 2.80 -8.44 -30.73
N ASP B 220 1.97 -9.49 -30.72
CA ASP B 220 0.88 -9.59 -31.66
C ASP B 220 -0.36 -9.01 -31.01
N VAL B 221 -0.96 -8.01 -31.65
CA VAL B 221 -2.18 -7.40 -31.13
C VAL B 221 -3.29 -8.44 -31.24
N LEU B 222 -3.94 -8.73 -30.13
CA LEU B 222 -5.01 -9.72 -30.12
C LEU B 222 -6.24 -9.28 -30.91
N PRO B 223 -7.07 -10.25 -31.33
CA PRO B 223 -8.26 -9.86 -32.06
C PRO B 223 -9.33 -9.61 -31.02
N LEU B 224 -10.41 -8.93 -31.40
CA LEU B 224 -11.50 -8.69 -30.47
C LEU B 224 -12.37 -9.92 -30.50
N LEU B 225 -12.87 -10.33 -29.34
CA LEU B 225 -13.76 -11.47 -29.23
C LEU B 225 -14.99 -10.84 -28.59
N LEU B 226 -16.00 -10.59 -29.42
CA LEU B 226 -17.20 -9.90 -29.00
C LEU B 226 -18.48 -10.72 -28.94
N GLN B 227 -19.20 -10.55 -27.84
CA GLN B 227 -20.46 -11.22 -27.58
C GLN B 227 -21.61 -10.22 -27.51
N ALA B 228 -22.61 -10.40 -28.37
CA ALA B 228 -23.78 -9.52 -28.37
C ALA B 228 -25.06 -10.30 -28.05
N ASN B 229 -25.88 -9.75 -27.17
CA ASN B 229 -27.16 -10.37 -26.84
C ASN B 229 -27.07 -11.83 -26.38
N GLY B 230 -26.01 -12.15 -25.64
CA GLY B 230 -25.84 -13.51 -25.12
C GLY B 230 -25.45 -14.58 -26.12
N ASN B 231 -25.18 -14.18 -27.36
CA ASN B 231 -24.79 -15.16 -28.38
C ASN B 231 -23.32 -15.54 -28.20
N ASP B 232 -22.88 -16.54 -28.97
CA ASP B 232 -21.49 -16.95 -28.86
C ASP B 232 -20.64 -15.80 -29.39
N PRO B 233 -19.44 -15.62 -28.84
CA PRO B 233 -18.57 -14.53 -29.29
C PRO B 233 -18.00 -14.72 -30.69
N GLU B 234 -17.69 -13.61 -31.34
CA GLU B 234 -17.15 -13.61 -32.69
C GLU B 234 -15.84 -12.84 -32.74
N LEU B 235 -14.94 -13.31 -33.58
CA LEU B 235 -13.63 -12.70 -33.76
C LEU B 235 -13.62 -11.59 -34.79
N PHE B 236 -12.86 -10.53 -34.49
CA PHE B 236 -12.67 -9.39 -35.37
C PHE B 236 -11.26 -8.85 -35.18
N GLN B 237 -10.64 -8.41 -36.27
CA GLN B 237 -9.31 -7.86 -36.21
C GLN B 237 -9.45 -6.34 -36.26
N ILE B 238 -8.85 -5.67 -35.28
CA ILE B 238 -8.86 -4.21 -35.24
C ILE B 238 -7.97 -3.75 -36.37
N PRO B 239 -8.47 -2.80 -37.19
CA PRO B 239 -7.66 -2.32 -38.31
C PRO B 239 -6.29 -1.85 -37.81
N PRO B 240 -5.20 -2.45 -38.32
CA PRO B 240 -3.86 -2.05 -37.85
C PRO B 240 -3.62 -0.56 -37.89
N GLU B 241 -4.16 0.12 -38.90
CA GLU B 241 -3.97 1.57 -39.00
C GLU B 241 -4.56 2.33 -37.80
N LEU B 242 -5.42 1.67 -37.04
CA LEU B 242 -6.05 2.27 -35.88
C LEU B 242 -5.33 1.96 -34.57
N VAL B 243 -4.35 1.06 -34.59
CA VAL B 243 -3.62 0.70 -33.37
C VAL B 243 -2.28 1.42 -33.31
N LEU B 244 -2.21 2.44 -32.48
CA LEU B 244 -1.00 3.22 -32.33
C LEU B 244 -0.05 2.52 -31.37
N GLU B 245 1.18 2.29 -31.83
CA GLU B 245 2.21 1.66 -31.02
C GLU B 245 3.45 2.54 -30.93
N VAL B 246 4.21 2.37 -29.85
CA VAL B 246 5.41 3.15 -29.62
C VAL B 246 6.65 2.27 -29.40
N PRO B 247 7.67 2.40 -30.27
CA PRO B 247 8.91 1.62 -30.16
C PRO B 247 9.63 2.19 -28.93
N ILE B 248 10.09 1.33 -28.03
CA ILE B 248 10.74 1.87 -26.85
C ILE B 248 12.26 1.98 -26.97
N ARG B 249 12.78 3.18 -26.79
CA ARG B 249 14.22 3.42 -26.83
C ARG B 249 14.64 4.33 -25.67
N HIS B 250 15.93 4.30 -25.33
CA HIS B 250 16.45 5.08 -24.22
C HIS B 250 17.18 6.32 -24.75
N PRO B 251 17.03 7.47 -24.07
CA PRO B 251 17.70 8.69 -24.52
C PRO B 251 19.23 8.68 -24.41
N LYS B 252 19.78 7.72 -23.67
CA LYS B 252 21.23 7.63 -23.51
C LYS B 252 21.80 6.28 -23.95
N PHE B 253 21.05 5.20 -23.71
CA PHE B 253 21.53 3.86 -24.11
C PHE B 253 21.00 3.50 -25.49
N ASP B 254 21.91 3.39 -26.46
CA ASP B 254 21.50 3.04 -27.83
C ASP B 254 21.16 1.58 -28.00
N TRP B 255 21.62 0.75 -27.08
CA TRP B 255 21.34 -0.68 -27.17
C TRP B 255 19.92 -1.03 -26.71
N PHE B 256 19.26 -0.07 -26.05
CA PHE B 256 17.91 -0.30 -25.55
C PHE B 256 16.94 -0.66 -26.66
N LYS B 257 16.99 0.10 -27.75
CA LYS B 257 16.13 -0.14 -28.90
C LYS B 257 16.30 -1.58 -29.37
N ASP B 258 17.51 -2.12 -29.21
CA ASP B 258 17.81 -3.47 -29.63
C ASP B 258 17.11 -4.54 -28.80
N LEU B 259 16.44 -4.13 -27.73
CA LEU B 259 15.71 -5.10 -26.91
C LEU B 259 14.42 -5.47 -27.64
N GLY B 260 14.12 -4.72 -28.71
CA GLY B 260 12.94 -4.97 -29.51
C GLY B 260 11.60 -4.71 -28.84
N LEU B 261 11.61 -3.83 -27.85
CA LEU B 261 10.42 -3.50 -27.10
C LEU B 261 9.57 -2.40 -27.71
N LYS B 262 8.27 -2.50 -27.45
CA LYS B 262 7.30 -1.50 -27.88
C LYS B 262 6.02 -1.76 -27.09
N TRP B 263 5.10 -0.80 -27.09
CA TRP B 263 3.84 -0.99 -26.38
C TRP B 263 2.78 -0.22 -27.14
N TYR B 264 1.51 -0.45 -26.83
CA TYR B 264 0.44 0.28 -27.50
C TYR B 264 0.20 1.57 -26.70
N GLY B 265 -0.24 2.61 -27.38
CA GLY B 265 -0.49 3.86 -26.69
C GLY B 265 -1.81 4.01 -25.97
N LEU B 266 -2.81 3.21 -26.33
CA LEU B 266 -4.15 3.35 -25.74
C LEU B 266 -4.57 2.25 -24.77
N PRO B 267 -4.63 2.57 -23.46
CA PRO B 267 -5.03 1.58 -22.45
C PRO B 267 -6.57 1.65 -22.33
N ALA B 268 -7.25 0.56 -22.70
CA ALA B 268 -8.71 0.51 -22.68
C ALA B 268 -9.29 -0.72 -21.96
N VAL B 269 -9.48 -0.60 -20.66
CA VAL B 269 -10.06 -1.67 -19.85
C VAL B 269 -11.43 -1.96 -20.45
N SER B 270 -11.71 -3.24 -20.73
CA SER B 270 -12.95 -3.62 -21.37
C SER B 270 -13.71 -4.79 -20.72
N ASN B 271 -13.25 -5.23 -19.55
CA ASN B 271 -13.87 -6.35 -18.87
C ASN B 271 -14.62 -6.00 -17.60
N MET B 272 -14.83 -4.72 -17.34
CA MET B 272 -15.55 -4.37 -16.12
C MET B 272 -17.04 -4.16 -16.32
N LEU B 273 -17.78 -4.10 -15.21
CA LEU B 273 -19.22 -3.90 -15.24
C LEU B 273 -19.55 -2.50 -14.68
N LEU B 274 -20.34 -1.76 -15.43
CA LEU B 274 -20.74 -0.41 -15.02
C LEU B 274 -22.15 -0.43 -14.43
N GLU B 275 -22.28 -0.07 -13.16
CA GLU B 275 -23.61 -0.04 -12.55
C GLU B 275 -24.13 1.38 -12.35
N ILE B 276 -25.32 1.62 -12.89
CA ILE B 276 -25.96 2.92 -12.78
C ILE B 276 -27.43 2.75 -12.42
N GLY B 277 -27.82 3.32 -11.29
CA GLY B 277 -29.20 3.24 -10.84
C GLY B 277 -29.74 1.83 -10.86
N GLY B 278 -28.91 0.88 -10.46
CA GLY B 278 -29.35 -0.50 -10.42
C GLY B 278 -29.13 -1.23 -11.72
N LEU B 279 -29.10 -0.51 -12.82
CA LEU B 279 -28.88 -1.13 -14.12
C LEU B 279 -27.43 -1.61 -14.25
N GLU B 280 -27.23 -2.72 -14.94
CA GLU B 280 -25.89 -3.29 -15.11
C GLU B 280 -25.42 -3.34 -16.56
N PHE B 281 -24.39 -2.57 -16.87
CA PHE B 281 -23.83 -2.53 -18.22
C PHE B 281 -22.58 -3.39 -18.23
N SER B 282 -22.75 -4.64 -18.66
CA SER B 282 -21.67 -5.63 -18.71
C SER B 282 -20.60 -5.45 -19.79
N ALA B 283 -20.88 -4.58 -20.75
CA ALA B 283 -19.91 -4.31 -21.81
C ALA B 283 -19.82 -2.79 -21.82
N CYS B 284 -18.75 -2.26 -21.24
CA CYS B 284 -18.57 -0.81 -21.14
C CYS B 284 -17.10 -0.39 -21.26
N PRO B 285 -16.42 -0.82 -22.34
CA PRO B 285 -15.01 -0.46 -22.52
C PRO B 285 -14.72 1.04 -22.35
N PHE B 286 -13.68 1.36 -21.58
CA PHE B 286 -13.32 2.74 -21.36
C PHE B 286 -11.80 2.92 -21.47
N SER B 287 -11.38 4.09 -21.93
CA SER B 287 -9.96 4.38 -22.11
C SER B 287 -9.56 5.77 -21.67
N GLY B 288 -8.30 5.89 -21.25
CA GLY B 288 -7.72 7.16 -20.84
C GLY B 288 -6.36 7.20 -21.54
N TRP B 289 -5.31 7.39 -20.76
CA TRP B 289 -3.93 7.40 -21.27
C TRP B 289 -3.08 6.80 -20.14
N TYR B 290 -1.92 6.27 -20.50
CA TYR B 290 -1.06 5.61 -19.53
C TYR B 290 -0.28 6.48 -18.57
N MET B 291 -0.02 5.89 -17.41
CA MET B 291 0.87 6.48 -16.44
C MET B 291 2.07 5.56 -16.73
N GLY B 292 3.26 6.14 -16.90
CA GLY B 292 4.44 5.38 -17.26
C GLY B 292 4.75 4.07 -16.55
N THR B 293 4.60 4.06 -15.23
CA THR B 293 4.86 2.89 -14.42
C THR B 293 3.99 1.67 -14.75
N GLU B 294 2.81 1.88 -15.31
CA GLU B 294 1.95 0.77 -15.67
C GLU B 294 2.70 -0.16 -16.63
N ILE B 295 3.40 0.46 -17.57
CA ILE B 295 4.16 -0.22 -18.60
C ILE B 295 5.58 -0.59 -18.14
N GLY B 296 6.32 0.45 -17.73
CA GLY B 296 7.71 0.31 -17.32
C GLY B 296 7.97 -0.54 -16.08
N VAL B 297 7.06 -0.47 -15.11
CA VAL B 297 7.21 -1.24 -13.89
C VAL B 297 6.45 -2.58 -13.97
N ARG B 298 5.14 -2.51 -14.13
CA ARG B 298 4.34 -3.73 -14.16
C ARG B 298 4.39 -4.58 -15.44
N ASP B 299 3.97 -4.03 -16.58
CA ASP B 299 3.96 -4.83 -17.80
C ASP B 299 5.33 -5.37 -18.22
N TYR B 300 6.39 -4.59 -18.01
CA TYR B 300 7.73 -5.04 -18.40
C TYR B 300 8.55 -5.73 -17.33
N CYS B 301 8.40 -5.33 -16.06
CA CYS B 301 9.22 -5.90 -15.00
C CYS B 301 8.62 -6.88 -14.01
N ASP B 302 7.31 -7.07 -14.04
CA ASP B 302 6.67 -8.05 -13.15
C ASP B 302 7.30 -9.38 -13.59
N ASN B 303 7.60 -10.24 -12.63
CA ASN B 303 8.17 -11.56 -12.94
C ASN B 303 7.22 -12.35 -13.82
N SER B 304 5.93 -12.12 -13.64
CA SER B 304 4.91 -12.83 -14.41
C SER B 304 4.42 -12.13 -15.67
N ARG B 305 5.12 -11.08 -16.09
CA ARG B 305 4.75 -10.38 -17.31
C ARG B 305 5.95 -10.49 -18.27
N TYR B 306 6.40 -9.40 -18.88
CA TYR B 306 7.51 -9.55 -19.81
C TYR B 306 8.84 -9.86 -19.11
N ASN B 307 8.94 -9.53 -17.82
CA ASN B 307 10.11 -9.86 -17.01
C ASN B 307 11.46 -9.55 -17.69
N ILE B 308 11.69 -8.29 -18.02
CA ILE B 308 12.91 -7.89 -18.69
C ILE B 308 14.04 -7.34 -17.81
N LEU B 309 13.83 -7.28 -16.49
CA LEU B 309 14.85 -6.72 -15.61
C LEU B 309 16.26 -7.28 -15.76
N GLU B 310 16.39 -8.59 -15.74
CA GLU B 310 17.72 -9.21 -15.86
C GLU B 310 18.46 -8.76 -17.12
N GLU B 311 17.82 -8.96 -18.27
CA GLU B 311 18.41 -8.59 -19.55
C GLU B 311 18.86 -7.13 -19.60
N VAL B 312 18.05 -6.23 -19.05
CA VAL B 312 18.39 -4.82 -19.05
C VAL B 312 19.56 -4.59 -18.10
N ALA B 313 19.59 -5.35 -17.02
CA ALA B 313 20.66 -5.22 -16.03
C ALA B 313 22.01 -5.67 -16.62
N LYS B 314 21.99 -6.74 -17.39
CA LYS B 314 23.20 -7.27 -18.03
C LYS B 314 23.77 -6.21 -18.97
N LYS B 315 22.93 -5.72 -19.88
CA LYS B 315 23.33 -4.71 -20.85
C LYS B 315 23.93 -3.49 -20.17
N MET B 316 23.49 -3.19 -18.95
CA MET B 316 23.99 -2.05 -18.21
C MET B 316 25.26 -2.43 -17.45
N ASP B 317 25.61 -3.71 -17.52
CA ASP B 317 26.78 -4.25 -16.85
C ASP B 317 26.71 -3.88 -15.37
N LEU B 318 25.66 -4.35 -14.71
CA LEU B 318 25.48 -4.08 -13.29
C LEU B 318 25.97 -5.27 -12.49
N ASP B 319 26.30 -5.04 -11.22
CA ASP B 319 26.75 -6.10 -10.34
C ASP B 319 25.51 -6.89 -9.91
N MET B 320 25.20 -7.95 -10.64
CA MET B 320 24.03 -8.77 -10.37
C MET B 320 24.30 -9.95 -9.44
N ARG B 321 25.49 -9.96 -8.84
CA ARG B 321 25.86 -11.05 -7.94
C ARG B 321 25.08 -10.99 -6.63
N LYS B 322 24.73 -9.79 -6.18
CA LYS B 322 24.01 -9.62 -4.93
C LYS B 322 22.94 -8.52 -4.98
N THR B 323 21.75 -8.81 -4.47
CA THR B 323 20.65 -7.85 -4.49
C THR B 323 21.00 -6.49 -3.89
N SER B 324 21.82 -6.48 -2.84
CA SER B 324 22.20 -5.23 -2.19
C SER B 324 22.92 -4.24 -3.11
N SER B 325 23.18 -4.64 -4.35
CA SER B 325 23.82 -3.73 -5.32
C SER B 325 22.69 -2.88 -5.87
N LEU B 326 21.48 -3.37 -5.65
CA LEU B 326 20.25 -2.72 -6.11
C LEU B 326 20.25 -2.63 -7.63
N TRP B 327 20.76 -3.67 -8.27
CA TRP B 327 20.80 -3.70 -9.71
C TRP B 327 19.37 -3.67 -10.26
N LYS B 328 18.45 -4.37 -9.60
CA LYS B 328 17.06 -4.39 -10.06
C LYS B 328 16.47 -2.99 -10.04
N ASP B 329 16.74 -2.26 -8.96
CA ASP B 329 16.24 -0.89 -8.82
C ASP B 329 16.82 0.03 -9.89
N GLN B 330 18.13 -0.04 -10.10
CA GLN B 330 18.78 0.82 -11.09
C GLN B 330 18.20 0.61 -12.48
N ALA B 331 18.05 -0.65 -12.86
CA ALA B 331 17.50 -1.01 -14.16
C ALA B 331 16.05 -0.56 -14.29
N LEU B 332 15.28 -0.75 -13.22
CA LEU B 332 13.87 -0.36 -13.24
C LEU B 332 13.74 1.10 -13.62
N VAL B 333 14.52 1.95 -12.98
CA VAL B 333 14.47 3.38 -13.30
C VAL B 333 14.76 3.65 -14.78
N GLU B 334 15.81 3.02 -15.31
CA GLU B 334 16.18 3.22 -16.72
C GLU B 334 15.06 2.84 -17.68
N ILE B 335 14.45 1.68 -17.42
CA ILE B 335 13.37 1.19 -18.26
C ILE B 335 12.21 2.19 -18.25
N ASN B 336 11.94 2.75 -17.08
CA ASN B 336 10.84 3.70 -16.97
C ASN B 336 11.17 5.04 -17.63
N ILE B 337 12.45 5.41 -17.61
CA ILE B 337 12.89 6.64 -18.28
C ILE B 337 12.67 6.44 -19.78
N ALA B 338 12.97 5.23 -20.25
CA ALA B 338 12.84 4.88 -21.66
C ALA B 338 11.39 4.92 -22.15
N VAL B 339 10.49 4.35 -21.36
CA VAL B 339 9.08 4.35 -21.72
C VAL B 339 8.53 5.76 -21.87
N LEU B 340 8.81 6.62 -20.89
CA LEU B 340 8.34 7.99 -20.92
C LEU B 340 8.95 8.77 -22.09
N TYR B 341 10.25 8.60 -22.30
CA TYR B 341 10.96 9.27 -23.38
C TYR B 341 10.41 8.87 -24.75
N SER B 342 10.27 7.57 -24.99
CA SER B 342 9.76 7.08 -26.27
C SER B 342 8.38 7.64 -26.56
N PHE B 343 7.48 7.62 -25.57
CA PHE B 343 6.13 8.13 -25.75
C PHE B 343 6.14 9.63 -26.06
N GLN B 344 6.90 10.37 -25.27
CA GLN B 344 6.98 11.82 -25.47
C GLN B 344 7.55 12.15 -26.84
N SER B 345 8.62 11.47 -27.23
CA SER B 345 9.24 11.71 -28.52
C SER B 345 8.24 11.51 -29.65
N ASP B 346 7.37 10.51 -29.52
CA ASP B 346 6.39 10.25 -30.55
C ASP B 346 5.11 11.04 -30.36
N LYS B 347 5.12 11.93 -29.37
CA LYS B 347 3.98 12.78 -29.07
C LYS B 347 2.70 11.97 -28.79
N VAL B 348 2.86 10.93 -28.00
CA VAL B 348 1.73 10.08 -27.59
C VAL B 348 1.54 10.40 -26.10
N THR B 349 0.35 10.84 -25.73
CA THR B 349 0.06 11.18 -24.35
C THR B 349 0.48 10.13 -23.33
N ILE B 350 1.06 10.60 -22.24
CA ILE B 350 1.50 9.72 -21.16
C ILE B 350 1.86 10.63 -19.98
N VAL B 351 1.72 10.11 -18.77
CA VAL B 351 2.03 10.92 -17.61
C VAL B 351 2.91 10.12 -16.67
N ASP B 352 3.95 10.75 -16.13
CA ASP B 352 4.84 10.09 -15.20
C ASP B 352 4.13 10.06 -13.85
N HIS B 353 4.57 9.16 -12.97
CA HIS B 353 3.95 8.99 -11.64
C HIS B 353 4.06 10.20 -10.70
N HIS B 354 5.08 11.03 -10.89
CA HIS B 354 5.24 12.20 -10.03
C HIS B 354 4.11 13.18 -10.39
N SER B 355 4.01 13.48 -11.68
CA SER B 355 2.99 14.38 -12.17
C SER B 355 1.59 13.84 -11.86
N ALA B 356 1.36 12.56 -12.15
CA ALA B 356 0.05 11.95 -11.92
C ALA B 356 -0.38 11.99 -10.46
N THR B 357 0.54 11.65 -9.54
CA THR B 357 0.17 11.63 -8.14
C THR B 357 -0.01 13.03 -7.58
N GLU B 358 0.81 13.98 -8.02
CA GLU B 358 0.65 15.36 -7.55
C GLU B 358 -0.74 15.85 -7.96
N SER B 359 -1.14 15.57 -9.20
CA SER B 359 -2.47 15.98 -9.65
C SER B 359 -3.58 15.28 -8.86
N PHE B 360 -3.37 14.02 -8.49
CA PHE B 360 -4.39 13.33 -7.73
C PHE B 360 -4.59 13.97 -6.35
N ILE B 361 -3.50 14.41 -5.73
CA ILE B 361 -3.60 15.06 -4.42
C ILE B 361 -4.48 16.34 -4.52
N LYS B 362 -4.25 17.13 -5.55
CA LYS B 362 -5.03 18.36 -5.76
C LYS B 362 -6.49 17.99 -5.99
N HIS B 363 -6.72 16.95 -6.80
CA HIS B 363 -8.07 16.50 -7.09
C HIS B 363 -8.74 16.04 -5.80
N MET B 364 -8.00 15.29 -5.01
CA MET B 364 -8.54 14.77 -3.76
C MET B 364 -8.97 15.89 -2.82
N GLU B 365 -8.08 16.86 -2.61
CA GLU B 365 -8.39 17.97 -1.73
C GLU B 365 -9.60 18.71 -2.25
N ASN B 366 -9.63 18.96 -3.56
CA ASN B 366 -10.77 19.65 -4.16
C ASN B 366 -12.07 18.90 -3.88
N GLU B 367 -12.03 17.57 -4.05
CA GLU B 367 -13.19 16.72 -3.81
C GLU B 367 -13.66 16.77 -2.34
N TYR B 368 -12.73 16.86 -1.41
CA TYR B 368 -13.14 16.92 -0.01
C TYR B 368 -13.92 18.21 0.21
N ARG B 369 -13.34 19.31 -0.25
CA ARG B 369 -13.94 20.62 -0.10
C ARG B 369 -15.29 20.80 -0.81
N CYS B 370 -15.38 20.36 -2.05
CA CYS B 370 -16.61 20.51 -2.81
C CYS B 370 -17.60 19.35 -2.70
N ARG B 371 -17.11 18.16 -2.38
CA ARG B 371 -17.97 16.97 -2.29
C ARG B 371 -18.03 16.33 -0.91
N GLY B 372 -17.10 16.69 -0.03
CA GLY B 372 -17.11 16.12 1.31
C GLY B 372 -16.28 14.84 1.40
N GLY B 373 -15.45 14.62 0.38
CA GLY B 373 -14.60 13.43 0.38
C GLY B 373 -14.24 12.86 -0.98
N CYS B 374 -13.39 11.84 -0.97
CA CYS B 374 -12.95 11.17 -2.19
C CYS B 374 -12.48 9.78 -1.81
N PRO B 375 -13.30 8.74 -2.09
CA PRO B 375 -12.88 7.37 -1.74
C PRO B 375 -11.63 7.06 -2.55
N ALA B 376 -10.62 6.50 -1.88
CA ALA B 376 -9.37 6.19 -2.54
C ALA B 376 -8.74 4.96 -1.89
N ASP B 377 -8.19 4.09 -2.75
CA ASP B 377 -7.55 2.87 -2.32
C ASP B 377 -6.02 3.10 -2.41
N TRP B 378 -5.43 3.37 -1.25
CA TRP B 378 -4.01 3.66 -1.11
C TRP B 378 -3.13 2.59 -1.79
N VAL B 379 -3.48 1.34 -1.55
CA VAL B 379 -2.77 0.20 -2.11
C VAL B 379 -2.61 0.29 -3.64
N TRP B 380 -3.64 0.84 -4.30
CA TRP B 380 -3.60 0.98 -5.75
C TRP B 380 -3.11 2.32 -6.23
N ILE B 381 -3.38 3.36 -5.44
CA ILE B 381 -3.00 4.71 -5.79
C ILE B 381 -1.50 4.95 -5.77
N VAL B 382 -0.83 4.47 -4.73
CA VAL B 382 0.62 4.65 -4.67
C VAL B 382 1.30 3.86 -5.81
N PRO B 383 2.15 4.55 -6.60
CA PRO B 383 2.88 3.94 -7.73
C PRO B 383 3.73 2.73 -7.30
N PRO B 384 3.89 1.75 -8.20
CA PRO B 384 4.66 0.54 -7.91
C PRO B 384 6.19 0.75 -7.85
N MET B 385 6.64 2.00 -7.93
CA MET B 385 8.08 2.29 -7.78
C MET B 385 8.14 3.66 -7.12
N SER B 386 9.23 3.92 -6.39
CA SER B 386 9.44 5.21 -5.75
C SER B 386 8.25 5.70 -4.94
N GLY B 387 7.53 4.77 -4.31
CA GLY B 387 6.37 5.13 -3.53
C GLY B 387 6.45 6.37 -2.66
N SER B 388 7.35 6.39 -1.67
CA SER B 388 7.42 7.54 -0.78
C SER B 388 7.95 8.86 -1.37
N ILE B 389 8.48 8.86 -2.58
CA ILE B 389 8.90 10.13 -3.12
C ILE B 389 7.77 10.74 -3.97
N THR B 390 6.57 10.16 -3.82
CA THR B 390 5.37 10.70 -4.49
C THR B 390 4.47 11.11 -3.32
N PRO B 391 3.77 12.24 -3.44
CA PRO B 391 2.90 12.71 -2.35
C PRO B 391 1.82 11.77 -1.82
N VAL B 392 1.24 10.94 -2.68
CA VAL B 392 0.17 10.04 -2.24
C VAL B 392 0.58 9.05 -1.14
N PHE B 393 1.86 8.69 -1.09
CA PHE B 393 2.35 7.77 -0.07
C PHE B 393 2.07 8.29 1.33
N HIS B 394 2.27 9.60 1.49
CA HIS B 394 2.13 10.30 2.77
C HIS B 394 0.72 10.75 3.10
N GLN B 395 -0.20 10.48 2.18
CA GLN B 395 -1.61 10.86 2.30
C GLN B 395 -2.50 9.76 2.86
N GLU B 396 -3.20 10.02 3.97
CA GLU B 396 -4.11 9.01 4.48
C GLU B 396 -5.33 9.05 3.57
N MET B 397 -5.94 7.89 3.36
CA MET B 397 -7.07 7.79 2.46
C MET B 397 -8.16 6.92 3.05
N LEU B 398 -9.40 7.15 2.62
CA LEU B 398 -10.52 6.33 3.09
C LEU B 398 -11.08 5.63 1.85
N ASN B 399 -11.33 4.34 1.97
CA ASN B 399 -11.87 3.60 0.84
C ASN B 399 -13.27 3.10 1.17
N TYR B 400 -14.22 3.47 0.32
CA TYR B 400 -15.60 3.06 0.49
C TYR B 400 -16.22 3.06 -0.90
N ARG B 401 -17.30 2.29 -1.06
CA ARG B 401 -17.96 2.15 -2.35
C ARG B 401 -19.20 3.01 -2.59
N LEU B 402 -19.10 3.89 -3.58
CA LEU B 402 -20.21 4.76 -3.95
C LEU B 402 -20.72 4.28 -5.29
N THR B 403 -21.97 4.60 -5.63
CA THR B 403 -22.52 4.23 -6.92
C THR B 403 -22.97 5.54 -7.55
N PRO B 404 -22.97 5.62 -8.89
CA PRO B 404 -22.59 4.61 -9.89
C PRO B 404 -21.17 4.08 -9.70
N SER B 405 -20.87 2.90 -10.23
CA SER B 405 -19.52 2.38 -10.06
C SER B 405 -19.08 1.35 -11.08
N PHE B 406 -17.77 1.14 -11.13
CA PHE B 406 -17.21 0.11 -11.99
C PHE B 406 -16.91 -1.06 -11.06
N GLU B 407 -17.33 -2.25 -11.49
CA GLU B 407 -17.16 -3.46 -10.71
C GLU B 407 -16.45 -4.52 -11.53
N TYR B 408 -15.91 -5.52 -10.83
CA TYR B 408 -15.28 -6.63 -11.50
C TYR B 408 -16.39 -7.59 -11.84
N GLN B 409 -16.16 -8.47 -12.78
CA GLN B 409 -17.14 -9.49 -13.12
C GLN B 409 -16.35 -10.69 -13.58
N PRO B 410 -16.92 -11.89 -13.47
CA PRO B 410 -16.22 -13.11 -13.88
C PRO B 410 -15.86 -13.09 -15.36
N ASP B 411 -14.74 -13.70 -15.72
CA ASP B 411 -14.39 -13.76 -17.14
C ASP B 411 -15.56 -14.51 -17.78
N PRO B 412 -15.98 -14.07 -18.97
CA PRO B 412 -17.11 -14.70 -19.66
C PRO B 412 -16.96 -16.19 -20.01
N TRP B 413 -15.75 -16.62 -20.35
CA TRP B 413 -15.59 -18.03 -20.70
C TRP B 413 -15.90 -18.98 -19.55
N ASN B 414 -15.95 -18.44 -18.34
CA ASN B 414 -16.27 -19.26 -17.17
C ASN B 414 -17.77 -19.42 -16.96
N THR B 415 -18.57 -18.50 -17.47
CA THR B 415 -20.02 -18.56 -17.25
C THR B 415 -20.90 -18.71 -18.49
N HIS B 416 -20.34 -18.45 -19.67
CA HIS B 416 -21.11 -18.52 -20.91
C HIS B 416 -21.65 -19.90 -21.31
N VAL B 417 -22.93 -19.92 -21.68
CA VAL B 417 -23.59 -21.15 -22.12
C VAL B 417 -23.41 -21.18 -23.63
N TRP B 418 -22.48 -22.00 -24.11
CA TRP B 418 -22.26 -22.07 -25.55
C TRP B 418 -23.46 -22.62 -26.30
N LYS B 419 -23.81 -21.97 -27.39
CA LYS B 419 -24.95 -22.38 -28.20
C LYS B 419 -24.55 -23.24 -29.39
N GLY B 420 -23.26 -23.24 -29.71
CA GLY B 420 -22.79 -24.04 -30.82
C GLY B 420 -22.77 -23.28 -32.13
C ACT C . 16.14 -9.90 8.25
O ACT C . 17.21 -9.28 8.48
OXT ACT C . 15.70 -10.13 7.10
CH3 ACT C . 15.35 -10.40 9.44
ZN ZN D . -9.62 -2.16 5.86
CHA HEM E . 8.27 -1.83 12.17
CHB HEM E . 12.09 -4.23 10.32
CHC HEM E . 13.09 -5.88 14.76
CHD HEM E . 8.57 -4.59 16.17
C1A HEM E . 9.33 -2.19 11.35
C2A HEM E . 9.61 -1.55 10.08
C3A HEM E . 10.64 -2.27 9.53
C4A HEM E . 10.99 -3.33 10.46
CMA HEM E . 11.31 -1.99 8.19
CAA HEM E . 9.01 -0.26 9.60
CBA HEM E . 9.74 0.92 10.24
CGA HEM E . 9.19 2.28 9.81
O1A HEM E . 8.74 2.40 8.65
O2A HEM E . 9.22 3.21 10.64
C1B HEM E . 12.68 -5.00 11.34
C2B HEM E . 13.94 -5.68 11.21
C3B HEM E . 14.28 -6.11 12.46
C4B HEM E . 13.19 -5.68 13.35
CMB HEM E . 14.70 -5.85 9.90
CAB HEM E . 15.45 -6.83 12.69
CBB HEM E . 15.84 -7.49 13.80
C1C HEM E . 11.97 -5.62 15.58
C2C HEM E . 11.88 -6.00 16.96
C3C HEM E . 10.59 -5.66 17.36
C4C HEM E . 9.92 -5.14 16.19
CMC HEM E . 13.02 -6.64 17.78
CAC HEM E . 10.02 -5.74 18.62
CBC HEM E . 10.38 -6.66 19.56
C1D HEM E . 8.03 -3.76 15.19
C2D HEM E . 6.85 -2.92 15.33
C3D HEM E . 6.81 -2.09 14.21
C4D HEM E . 7.94 -2.45 13.39
CMD HEM E . 5.84 -3.01 16.49
CAD HEM E . 5.86 -0.95 13.87
CBD HEM E . 6.34 0.30 14.59
CGD HEM E . 5.50 1.52 14.28
O1D HEM E . 4.25 1.36 14.20
O2D HEM E . 6.08 2.62 14.13
NA HEM E . 10.21 -3.24 11.59
NB HEM E . 12.24 -5.04 12.65
NC HEM E . 10.78 -5.09 15.14
ND HEM E . 8.67 -3.48 13.99
FE HEM E . 10.40 -4.37 13.27
N1 HBI F . 5.21 2.07 5.83
N2 HBI F . 7.07 0.97 6.79
C2 HBI F . 6.27 2.03 6.70
N3 HBI F . 6.47 3.13 7.50
C4 HBI F . 5.66 4.30 7.46
O4 HBI F . 5.91 5.28 8.20
C4A HBI F . 4.58 4.31 6.55
C8A HBI F . 4.36 3.17 5.73
N8 HBI F . 3.31 3.12 4.82
C7 HBI F . 2.47 4.36 4.60
C6 HBI F . 2.70 5.48 5.61
N5 HBI F . 3.77 5.42 6.50
C9 HBI F . 1.83 6.74 5.61
O9 HBI F . 2.45 7.66 4.75
C10 HBI F . 0.37 6.51 5.14
O10 HBI F . -0.23 5.57 6.03
C11 HBI F . -0.43 7.81 5.15
N ARG G . 12.20 3.55 10.48
CA ARG G . 12.92 4.09 11.68
C ARG G . 14.17 4.85 11.23
O ARG G . 14.87 5.44 12.09
CB ARG G . 13.34 2.95 12.64
CG ARG G . 12.21 1.99 13.04
CD ARG G . 12.79 0.69 13.58
NE ARG G . 13.37 -0.13 12.49
CZ ARG G . 14.00 -1.29 12.61
NH1 ARG G . 14.16 -1.87 13.80
NH2 ARG G . 14.46 -1.90 11.55
OXT ARG G . 14.47 4.86 10.02
C CMO H . 11.05 -3.00 14.10
O CMO H . 11.38 -2.09 14.70
C ACT I . -3.59 12.83 -15.46
O ACT I . -3.16 13.40 -14.43
OXT ACT I . -2.86 12.47 -16.40
CH3 ACT I . -5.09 12.57 -15.56
CHA HEM J . -7.27 2.23 -12.37
CHB HEM J . -4.79 5.96 -14.33
CHC HEM J . -8.77 7.07 -16.92
CHD HEM J . -11.38 3.99 -14.33
C1A HEM J . -6.20 3.05 -12.88
C2A HEM J . -4.77 2.80 -12.68
C3A HEM J . -4.09 3.86 -13.16
C4A HEM J . -5.10 4.77 -13.66
CMA HEM J . -2.59 4.19 -13.08
CAA HEM J . -4.20 1.49 -12.13
CBA HEM J . -4.12 0.53 -13.30
CGA HEM J . -3.49 -0.80 -12.93
O1A HEM J . -2.69 -0.88 -11.97
O2A HEM J . -3.79 -1.78 -13.63
C1B HEM J . -5.70 6.67 -15.17
C2B HEM J . -5.29 7.70 -16.10
C3B HEM J . -6.37 7.99 -16.85
C4B HEM J . -7.46 7.14 -16.37
CMB HEM J . -3.93 8.38 -16.13
CAB HEM J . -6.34 8.99 -17.84
CBB HEM J . -7.35 9.81 -18.24
C1C HEM J . -9.82 6.27 -16.52
C2C HEM J . -11.14 6.26 -17.14
C3C HEM J . -11.93 5.52 -16.29
C4C HEM J . -11.03 4.99 -15.25
CMC HEM J . -11.53 6.91 -18.47
CAC HEM J . -13.31 5.26 -16.35
CBC HEM J . -14.22 5.89 -17.17
C1D HEM J . -10.51 3.22 -13.50
C2D HEM J . -10.89 2.04 -12.74
C3D HEM J . -9.73 1.51 -12.22
C4D HEM J . -8.65 2.42 -12.60
CMD HEM J . -12.32 1.54 -12.52
CAD HEM J . -9.54 0.16 -11.53
CBD HEM J . -9.35 -0.90 -12.61
CGD HEM J . -9.03 -2.28 -12.03
O1D HEM J . -9.54 -2.59 -10.94
O2D HEM J . -8.29 -3.05 -12.69
NA HEM J . -6.37 4.24 -13.54
NB HEM J . -7.03 6.34 -15.37
NC HEM J . -9.77 5.45 -15.42
ND HEM J . -9.15 3.44 -13.39
FE HEM J . -8.11 5.00 -14.31
N1 HBI K . -1.86 -1.21 -7.53
N2 HBI K . -2.25 0.22 -9.36
C2 HBI K . -2.17 -0.99 -8.84
N3 HBI K . -2.40 -2.10 -9.63
C4 HBI K . -2.34 -3.43 -9.17
O4 HBI K . -2.56 -4.38 -9.94
C4A HBI K . -2.02 -3.62 -7.82
C8A HBI K . -1.78 -2.49 -6.98
N8 HBI K . -1.46 -2.63 -5.64
C7 HBI K . -1.25 -4.03 -5.07
C6 HBI K . -1.65 -5.16 -6.00
N5 HBI K . -1.97 -4.91 -7.34
C9 HBI K . -1.65 -6.62 -5.54
O9 HBI K . -0.41 -7.18 -5.87
C10 HBI K . -1.87 -6.79 -4.00
O10 HBI K . -3.15 -6.18 -3.67
C11 HBI K . -1.89 -8.28 -3.60
N ARG L . -2.52 -1.26 -16.12
CA ARG L . -3.01 -1.67 -17.46
C ARG L . -1.81 -1.85 -18.42
O ARG L . -2.02 -2.19 -19.59
CB ARG L . -3.97 -0.61 -18.05
CG ARG L . -5.13 -0.19 -17.12
CD ARG L . -5.76 1.10 -17.63
NE ARG L . -4.91 2.26 -17.35
CZ ARG L . -5.16 3.54 -17.67
NH1 ARG L . -6.27 3.90 -18.30
NH2 ARG L . -4.30 4.48 -17.35
OXT ARG L . -0.66 -1.66 -17.97
C CMO M . -8.01 3.80 -15.51
O CMO M . -8.03 2.95 -16.26
#